data_5SWA
#
_entry.id   5SWA
#
_cell.length_a   39.990
_cell.length_b   50.470
_cell.length_c   107.890
_cell.angle_alpha   89.170
_cell.angle_beta   89.020
_cell.angle_gamma   88.900
#
_symmetry.space_group_name_H-M   'P 1'
#
loop_
_entity.id
_entity.type
_entity.pdbx_description
1 polymer 'Extracellular solute-binding protein'
2 branched beta-D-mannopyranose-(1-4)-2-acetamido-2-deoxy-beta-D-glucopyranose
3 non-polymer 'BROMIDE ION'
4 water water
#
_entity_poly.entity_id   1
_entity_poly.type   'polypeptide(L)'
_entity_poly.pdbx_seq_one_letter_code
;MGNLTGNSKKAADSGDKPVIKMYQIGDKPDNLDELLANANKIIEEKVGAKLDIQYLGWGDYGKKMSVITSSGENYDIAFA
DNYIVNAQKGAYADLTELYKKEGKDLYKALDPAYIKGNTVNGKIYAVPVAANVASSQNFAFNGTLLAKYGIDISGVTSYE
TLEPVLKQIKEKAPDVVPFAIGKVFIPSDNFDYPVANGLPFVIDLEGDTTKVVNRYEVPRFKEHLKTLHKFYEAGYIPKD
VATSDTSFDLQQDTWFVREETVGPADYGNSLLSRVANKDIQIKPITNFIKKNQTTQVANFVISNNSKNKEKSMEILNLLN
TNPELLNGLVYGPEGKNWEKIEGKENRVRVLDGYKGNTHMGGWNTGNNWILYINENVTDQQIENSKKELAEAKESPALGF
IFNTDNVKSEISAIANTMQQFDTAINTGTVDPDKAIPELMEKLKSEGAYEKVLNEMQKQYDEFLKNKKLEHHHHHH
;
_entity_poly.pdbx_strand_id   A,B
#
# COMPACT_ATOMS: atom_id res chain seq x y z
N LYS A 17 -47.61 29.53 25.08
CA LYS A 17 -46.95 28.23 24.75
C LYS A 17 -46.01 28.38 23.55
N PRO A 18 -44.74 28.76 23.80
CA PRO A 18 -43.77 29.04 22.74
C PRO A 18 -43.27 27.80 22.00
N VAL A 19 -42.68 28.01 20.82
CA VAL A 19 -42.15 26.93 19.99
C VAL A 19 -40.62 26.91 20.08
N ILE A 20 -40.08 25.75 20.42
CA ILE A 20 -38.63 25.61 20.61
C ILE A 20 -37.94 24.99 19.39
N LYS A 21 -37.00 25.74 18.81
CA LYS A 21 -36.29 25.34 17.60
C LYS A 21 -34.98 24.62 17.89
N MET A 22 -34.97 23.30 17.66
CA MET A 22 -33.78 22.49 17.91
C MET A 22 -33.16 21.97 16.62
N TYR A 23 -31.86 22.21 16.47
CA TYR A 23 -31.11 21.69 15.33
C TYR A 23 -30.43 20.38 15.69
N GLN A 24 -30.54 19.39 14.81
CA GLN A 24 -29.96 18.08 15.03
C GLN A 24 -29.13 17.60 13.84
N ILE A 25 -28.07 16.85 14.12
CA ILE A 25 -27.23 16.24 13.08
C ILE A 25 -27.85 14.95 12.56
N GLY A 26 -27.65 14.68 11.27
CA GLY A 26 -28.10 13.43 10.66
C GLY A 26 -29.34 13.58 9.81
N ASP A 27 -29.89 12.45 9.40
CA ASP A 27 -31.07 12.45 8.55
C ASP A 27 -32.34 12.20 9.36
N LYS A 28 -33.42 12.88 8.97
CA LYS A 28 -34.68 12.85 9.71
C LYS A 28 -35.42 11.52 9.50
N PRO A 29 -36.02 10.98 10.58
CA PRO A 29 -36.87 9.79 10.48
C PRO A 29 -38.12 10.08 9.67
N ASP A 30 -38.59 9.08 8.92
CA ASP A 30 -39.73 9.24 8.02
C ASP A 30 -41.02 9.55 8.79
N ASN A 31 -41.08 9.11 10.04
CA ASN A 31 -42.24 9.32 10.90
C ASN A 31 -42.02 10.45 11.91
N LEU A 32 -41.33 11.50 11.48
CA LEU A 32 -40.92 12.60 12.36
C LEU A 32 -42.11 13.33 13.00
N ASP A 33 -43.17 13.54 12.21
CA ASP A 33 -44.39 14.19 12.70
C ASP A 33 -44.96 13.39 13.86
N GLU A 34 -45.19 12.10 13.61
CA GLU A 34 -45.68 11.15 14.62
C GLU A 34 -44.76 11.14 15.83
N LEU A 35 -43.46 11.17 15.56
CA LEU A 35 -42.43 11.17 16.61
C LEU A 35 -42.51 12.38 17.53
N LEU A 36 -42.81 13.54 16.96
CA LEU A 36 -42.91 14.76 17.77
C LEU A 36 -44.30 14.90 18.35
N ALA A 37 -45.30 14.42 17.61
CA ALA A 37 -46.69 14.49 18.04
C ALA A 37 -46.90 13.87 19.41
N ASN A 38 -46.43 12.64 19.60
CA ASN A 38 -46.56 11.97 20.89
C ASN A 38 -45.56 12.51 21.92
N ALA A 39 -44.45 13.05 21.43
CA ALA A 39 -43.45 13.69 22.28
C ALA A 39 -43.99 14.98 22.88
N ASN A 40 -44.59 15.81 22.02
CA ASN A 40 -45.17 17.09 22.45
C ASN A 40 -46.34 16.90 23.41
N LYS A 41 -47.02 15.76 23.31
CA LYS A 41 -48.09 15.41 24.24
C LYS A 41 -47.62 15.51 25.69
N ILE A 42 -46.40 15.03 25.94
CA ILE A 42 -45.81 15.03 27.26
C ILE A 42 -45.14 16.37 27.58
N ILE A 43 -44.39 16.88 26.61
CA ILE A 43 -43.64 18.14 26.76
C ILE A 43 -44.58 19.30 27.11
N GLU A 44 -45.64 19.47 26.33
CA GLU A 44 -46.64 20.51 26.58
C GLU A 44 -47.22 20.38 27.99
N GLU A 45 -47.51 19.15 28.40
CA GLU A 45 -48.11 18.88 29.71
C GLU A 45 -47.25 19.37 30.88
N LYS A 46 -45.94 19.14 30.76
CA LYS A 46 -45.02 19.39 31.87
C LYS A 46 -44.21 20.69 31.76
N VAL A 47 -44.21 21.31 30.58
CA VAL A 47 -43.40 22.51 30.34
C VAL A 47 -44.22 23.66 29.75
N GLY A 48 -45.19 23.33 28.90
CA GLY A 48 -46.00 24.34 28.22
C GLY A 48 -45.29 24.87 26.99
N ALA A 49 -44.48 24.02 26.38
CA ALA A 49 -43.73 24.39 25.17
C ALA A 49 -43.89 23.35 24.08
N LYS A 50 -43.54 23.72 22.85
CA LYS A 50 -43.61 22.82 21.71
C LYS A 50 -42.26 22.74 21.03
N LEU A 51 -41.66 21.54 21.07
CA LEU A 51 -40.35 21.32 20.48
C LEU A 51 -40.46 21.09 18.97
N ASP A 52 -39.55 21.71 18.21
CA ASP A 52 -39.49 21.50 16.77
C ASP A 52 -38.05 21.17 16.34
N ILE A 53 -37.85 19.95 15.85
CA ILE A 53 -36.53 19.49 15.44
C ILE A 53 -36.33 19.66 13.94
N GLN A 54 -35.24 20.34 13.57
CA GLN A 54 -34.82 20.44 12.18
C GLN A 54 -33.49 19.73 12.00
N TYR A 55 -33.53 18.56 11.37
CA TYR A 55 -32.31 17.83 11.02
C TYR A 55 -31.55 18.56 9.92
N LEU A 56 -30.22 18.50 9.96
CA LEU A 56 -29.39 19.25 9.02
C LEU A 56 -28.56 18.40 8.07
N GLY A 57 -28.61 17.08 8.25
CA GLY A 57 -27.83 16.17 7.42
C GLY A 57 -26.50 15.82 8.04
N TRP A 58 -25.77 14.91 7.39
CA TRP A 58 -24.50 14.41 7.90
C TRP A 58 -23.29 15.15 7.33
N GLY A 59 -22.95 14.80 6.09
CA GLY A 59 -21.73 15.25 5.41
C GLY A 59 -21.23 16.66 5.67
N ASP A 60 -22.14 17.64 5.64
CA ASP A 60 -21.76 19.03 5.81
C ASP A 60 -22.50 19.71 6.96
N TYR A 61 -22.61 19.02 8.10
CA TYR A 61 -23.24 19.58 9.29
C TYR A 61 -22.36 20.69 9.89
N GLY A 62 -21.05 20.47 9.86
CA GLY A 62 -20.08 21.44 10.38
C GLY A 62 -20.20 22.80 9.73
N LYS A 63 -20.33 22.81 8.41
CA LYS A 63 -20.45 24.03 7.64
C LYS A 63 -21.86 24.63 7.73
N LYS A 64 -22.87 23.79 7.59
CA LYS A 64 -24.27 24.22 7.61
C LYS A 64 -24.66 24.92 8.91
N MET A 65 -24.09 24.45 10.03
CA MET A 65 -24.30 25.07 11.34
C MET A 65 -23.48 26.34 11.49
N SER A 66 -22.25 26.31 10.96
CA SER A 66 -21.34 27.46 11.01
CA SER A 66 -21.35 27.46 11.00
C SER A 66 -22.02 28.73 10.48
N VAL A 67 -22.86 28.56 9.45
CA VAL A 67 -23.66 29.64 8.90
C VAL A 67 -24.61 30.17 9.98
N ILE A 68 -25.40 29.27 10.55
CA ILE A 68 -26.40 29.62 11.56
C ILE A 68 -25.76 30.33 12.75
N THR A 69 -24.67 29.77 13.26
CA THR A 69 -23.93 30.36 14.39
C THR A 69 -23.40 31.74 14.03
N SER A 70 -22.83 31.86 12.83
CA SER A 70 -22.28 33.14 12.36
C SER A 70 -23.36 34.17 12.09
N SER A 71 -24.34 33.80 11.24
CA SER A 71 -25.42 34.70 10.85
C SER A 71 -26.25 35.16 12.05
N ASN A 74 -30.20 32.33 14.46
CA ASN A 74 -31.16 32.34 15.56
C ASN A 74 -31.86 31.00 15.75
N TYR A 75 -31.53 30.33 16.86
CA TYR A 75 -32.18 29.07 17.26
C TYR A 75 -32.36 29.04 18.78
N ASP A 76 -32.72 27.88 19.31
CA ASP A 76 -32.77 27.67 20.75
C ASP A 76 -31.77 26.59 21.14
N ILE A 77 -32.06 25.36 20.73
CA ILE A 77 -31.22 24.22 21.03
C ILE A 77 -30.50 23.76 19.77
N ALA A 78 -29.31 23.19 19.94
CA ALA A 78 -28.55 22.66 18.81
C ALA A 78 -27.61 21.55 19.23
N PHE A 79 -27.35 20.62 18.31
CA PHE A 79 -26.29 19.64 18.47
C PHE A 79 -24.97 20.37 18.24
N ALA A 80 -24.09 20.27 19.23
CA ALA A 80 -22.86 21.07 19.26
C ALA A 80 -21.81 20.60 18.25
N ASP A 81 -21.45 21.50 17.35
CA ASP A 81 -20.37 21.25 16.41
C ASP A 81 -19.12 22.00 16.84
N ASN A 82 -18.00 21.28 16.94
CA ASN A 82 -16.74 21.84 17.44
C ASN A 82 -16.94 22.63 18.75
N TYR A 83 -17.35 21.90 19.80
CA TYR A 83 -17.79 22.49 21.07
C TYR A 83 -16.77 23.44 21.71
N ILE A 84 -15.60 22.89 22.08
CA ILE A 84 -14.56 23.64 22.78
C ILE A 84 -14.20 24.99 22.13
N VAL A 85 -14.16 25.01 20.80
CA VAL A 85 -13.85 26.23 20.06
C VAL A 85 -14.97 27.27 20.21
N ASN A 86 -16.17 26.93 19.77
CA ASN A 86 -17.31 27.86 19.80
C ASN A 86 -17.76 28.26 21.20
N ALA A 87 -17.19 27.60 22.21
CA ALA A 87 -17.52 27.91 23.60
C ALA A 87 -16.68 29.07 24.12
N GLN A 88 -15.41 29.10 23.70
CA GLN A 88 -14.50 30.16 24.12
C GLN A 88 -14.84 31.49 23.43
N LYS A 89 -15.53 31.41 22.30
CA LYS A 89 -15.88 32.61 21.53
C LYS A 89 -17.12 33.31 22.07
N GLY A 90 -17.98 32.55 22.76
CA GLY A 90 -19.22 33.09 23.33
C GLY A 90 -20.46 32.80 22.49
N ALA A 91 -20.38 31.80 21.61
CA ALA A 91 -21.50 31.41 20.76
C ALA A 91 -22.53 30.58 21.53
N TYR A 92 -22.10 30.03 22.65
CA TYR A 92 -22.96 29.21 23.49
C TYR A 92 -23.33 29.95 24.77
N ALA A 93 -24.60 29.90 25.13
CA ALA A 93 -25.09 30.52 26.36
C ALA A 93 -24.51 29.81 27.59
N ASP A 94 -24.36 30.55 28.68
CA ASP A 94 -23.92 29.97 29.94
C ASP A 94 -25.06 29.14 30.55
N LEU A 95 -24.70 27.98 31.08
CA LEU A 95 -25.68 27.03 31.61
C LEU A 95 -25.49 26.74 33.10
N THR A 96 -24.55 27.43 33.74
CA THR A 96 -24.25 27.18 35.15
C THR A 96 -25.43 27.51 36.06
N GLU A 97 -26.12 28.62 35.77
CA GLU A 97 -27.28 29.04 36.56
C GLU A 97 -28.55 28.27 36.21
N LEU A 98 -28.66 27.84 34.96
CA LEU A 98 -29.78 27.02 34.51
C LEU A 98 -29.73 25.62 35.11
N TYR A 99 -28.53 25.11 35.31
CA TYR A 99 -28.32 23.80 35.91
C TYR A 99 -28.66 23.78 37.39
N LYS A 100 -28.79 24.97 37.97
CA LYS A 100 -29.13 25.09 39.38
C LYS A 100 -30.64 25.16 39.58
N LYS A 101 -31.40 25.10 38.49
CA LYS A 101 -32.84 25.26 38.54
C LYS A 101 -33.59 24.37 37.55
N GLU A 102 -33.61 24.76 36.27
CA GLU A 102 -34.36 24.04 35.25
C GLU A 102 -33.70 22.73 34.82
N GLY A 103 -32.41 22.60 35.11
CA GLY A 103 -31.65 21.40 34.77
C GLY A 103 -30.96 20.80 35.96
N LYS A 104 -31.63 20.86 37.11
CA LYS A 104 -31.08 20.34 38.37
C LYS A 104 -31.14 18.81 38.43
N ASP A 105 -32.21 18.24 37.88
CA ASP A 105 -32.42 16.80 37.89
C ASP A 105 -31.36 16.09 37.03
N LEU A 106 -31.27 16.48 35.76
CA LEU A 106 -30.35 15.83 34.83
C LEU A 106 -28.90 16.03 35.25
N TYR A 107 -28.61 17.16 35.89
CA TYR A 107 -27.27 17.44 36.37
C TYR A 107 -26.81 16.43 37.41
N LYS A 108 -27.77 15.94 38.20
CA LYS A 108 -27.47 14.96 39.24
C LYS A 108 -27.10 13.59 38.67
N ALA A 109 -27.68 13.26 37.52
CA ALA A 109 -27.46 11.97 36.88
C ALA A 109 -26.21 11.93 35.99
N LEU A 110 -25.37 12.96 36.10
CA LEU A 110 -24.18 13.07 35.26
C LEU A 110 -22.90 12.59 35.94
N ASP A 111 -22.17 11.72 35.26
CA ASP A 111 -20.83 11.32 35.69
C ASP A 111 -19.93 12.55 35.63
N PRO A 112 -19.20 12.84 36.73
CA PRO A 112 -18.34 14.02 36.86
C PRO A 112 -17.39 14.27 35.69
N ALA A 113 -17.00 13.19 34.99
CA ALA A 113 -16.15 13.30 33.82
C ALA A 113 -16.80 14.17 32.73
N TYR A 114 -18.13 14.15 32.66
CA TYR A 114 -18.86 15.02 31.74
C TYR A 114 -18.66 16.49 32.12
N ILE A 115 -18.59 16.76 33.41
CA ILE A 115 -18.28 18.10 33.91
C ILE A 115 -16.83 18.46 33.60
N LYS A 116 -15.92 17.51 33.82
CA LYS A 116 -14.50 17.71 33.51
C LYS A 116 -14.28 18.10 32.05
N GLY A 117 -15.02 17.47 31.15
CA GLY A 117 -14.79 17.62 29.71
C GLY A 117 -15.48 18.78 29.03
N ASN A 118 -16.62 19.21 29.59
CA ASN A 118 -17.41 20.25 28.96
C ASN A 118 -17.40 21.57 29.73
N THR A 119 -16.45 21.71 30.66
CA THR A 119 -16.27 22.96 31.39
C THR A 119 -15.14 23.78 30.78
N VAL A 120 -15.47 24.96 30.27
CA VAL A 120 -14.49 25.87 29.71
C VAL A 120 -14.51 27.20 30.47
N ASN A 121 -13.34 27.57 31.00
CA ASN A 121 -13.17 28.79 31.79
C ASN A 121 -14.10 28.85 32.99
N GLY A 122 -14.16 27.74 33.71
CA GLY A 122 -15.01 27.60 34.89
C GLY A 122 -16.48 27.77 34.57
N LYS A 123 -16.87 27.35 33.37
CA LYS A 123 -18.23 27.53 32.89
C LYS A 123 -18.60 26.45 31.88
N ILE A 124 -19.77 25.84 32.06
CA ILE A 124 -20.24 24.79 31.15
C ILE A 124 -21.33 25.31 30.20
N TYR A 125 -21.24 24.93 28.92
CA TYR A 125 -22.18 25.39 27.90
C TYR A 125 -22.90 24.22 27.25
N ALA A 126 -22.70 23.01 27.79
CA ALA A 126 -23.20 21.81 27.15
C ALA A 126 -24.15 20.99 28.00
N VAL A 127 -25.09 20.34 27.33
CA VAL A 127 -25.88 19.28 27.92
C VAL A 127 -25.36 17.98 27.32
N PRO A 128 -24.39 17.34 28.00
CA PRO A 128 -23.80 16.10 27.50
C PRO A 128 -24.78 14.94 27.66
N VAL A 129 -24.95 14.17 26.60
CA VAL A 129 -25.84 13.01 26.61
C VAL A 129 -25.18 11.88 27.39
N ALA A 130 -25.83 11.47 28.48
CA ALA A 130 -25.28 10.45 29.37
C ALA A 130 -25.24 9.08 28.70
N ALA A 131 -24.11 8.79 28.07
CA ALA A 131 -23.91 7.53 27.35
C ALA A 131 -22.53 6.97 27.64
N ASN A 132 -21.78 6.62 26.59
CA ASN A 132 -20.43 6.08 26.73
C ASN A 132 -19.43 7.18 27.07
N VAL A 133 -19.38 7.54 28.35
CA VAL A 133 -18.38 8.50 28.83
C VAL A 133 -16.97 7.89 28.67
N ALA A 134 -16.92 6.57 28.60
CA ALA A 134 -15.72 5.84 28.20
C ALA A 134 -16.10 4.89 27.07
N SER A 135 -15.23 4.77 26.08
CA SER A 135 -15.49 3.92 24.91
C SER A 135 -14.22 3.59 24.12
N SER A 136 -14.31 2.59 23.27
CA SER A 136 -13.19 2.21 22.42
C SER A 136 -13.62 2.15 20.96
N GLN A 137 -12.64 2.16 20.06
CA GLN A 137 -12.90 2.01 18.63
C GLN A 137 -12.87 0.53 18.30
N ASN A 138 -13.85 0.08 17.54
CA ASN A 138 -14.03 -1.34 17.26
C ASN A 138 -14.28 -1.64 15.80
N PHE A 139 -13.84 -2.82 15.37
CA PHE A 139 -14.24 -3.36 14.08
C PHE A 139 -15.60 -4.03 14.23
N ALA A 140 -16.59 -3.51 13.53
CA ALA A 140 -17.92 -4.12 13.53
C ALA A 140 -18.06 -4.99 12.29
N PHE A 141 -18.26 -6.29 12.51
CA PHE A 141 -18.33 -7.24 11.41
C PHE A 141 -19.76 -7.63 11.07
N ASN A 142 -20.00 -7.90 9.78
CA ASN A 142 -21.27 -8.45 9.32
C ASN A 142 -21.29 -9.95 9.56
N GLY A 143 -22.07 -10.36 10.57
CA GLY A 143 -22.18 -11.77 10.94
C GLY A 143 -22.87 -12.62 9.90
N THR A 144 -23.66 -11.99 9.04
CA THR A 144 -24.30 -12.69 7.92
C THR A 144 -23.22 -13.10 6.91
N LEU A 145 -22.25 -12.22 6.71
CA LEU A 145 -21.12 -12.53 5.85
C LEU A 145 -20.07 -13.36 6.57
N LEU A 146 -20.08 -13.29 7.90
CA LEU A 146 -19.15 -14.08 8.72
C LEU A 146 -19.59 -15.53 8.79
N ALA A 147 -20.90 -15.73 8.93
CA ALA A 147 -21.46 -17.07 9.01
C ALA A 147 -21.37 -17.78 7.68
N LYS A 148 -21.71 -17.07 6.61
CA LYS A 148 -21.75 -17.66 5.26
C LYS A 148 -20.41 -18.18 4.77
N TYR A 149 -19.34 -17.45 5.05
CA TYR A 149 -18.01 -17.80 4.53
C TYR A 149 -17.04 -18.30 5.59
N GLY A 150 -17.44 -18.19 6.86
CA GLY A 150 -16.63 -18.66 7.98
C GLY A 150 -15.24 -18.06 8.04
N ILE A 151 -15.15 -16.74 7.92
CA ILE A 151 -13.88 -16.03 7.98
C ILE A 151 -13.44 -15.82 9.44
N ASP A 152 -12.19 -16.16 9.72
CA ASP A 152 -11.66 -16.13 11.08
C ASP A 152 -11.19 -14.74 11.49
N ILE A 153 -11.94 -14.12 12.41
CA ILE A 153 -11.60 -12.80 12.94
C ILE A 153 -10.97 -12.86 14.34
N SER A 154 -10.26 -13.95 14.62
CA SER A 154 -9.70 -14.16 15.96
C SER A 154 -8.36 -13.48 16.17
N GLY A 155 -7.65 -13.19 15.08
CA GLY A 155 -6.34 -12.54 15.16
C GLY A 155 -6.36 -11.06 14.89
N VAL A 156 -7.55 -10.46 14.85
CA VAL A 156 -7.66 -9.04 14.50
C VAL A 156 -7.55 -8.13 15.73
N THR A 157 -6.39 -7.48 15.86
CA THR A 157 -6.15 -6.60 17.00
C THR A 157 -5.77 -5.19 16.53
N SER A 158 -5.66 -5.03 15.21
CA SER A 158 -5.27 -3.77 14.60
C SER A 158 -5.73 -3.73 13.14
N TYR A 159 -5.37 -2.68 12.42
CA TYR A 159 -5.60 -2.64 10.98
C TYR A 159 -4.67 -3.63 10.32
N GLU A 160 -3.42 -3.66 10.78
CA GLU A 160 -2.39 -4.51 10.22
C GLU A 160 -2.81 -5.98 10.20
N THR A 161 -3.55 -6.38 11.23
CA THR A 161 -4.06 -7.74 11.35
C THR A 161 -5.43 -7.90 10.69
N LEU A 162 -6.01 -6.79 10.25
CA LEU A 162 -7.28 -6.83 9.55
C LEU A 162 -7.10 -7.12 8.05
N GLU A 163 -5.89 -6.94 7.55
CA GLU A 163 -5.59 -7.16 6.13
C GLU A 163 -5.92 -8.59 5.65
N PRO A 164 -5.41 -9.64 6.35
CA PRO A 164 -5.68 -11.01 5.91
C PRO A 164 -7.17 -11.32 5.77
N VAL A 165 -7.97 -10.79 6.68
CA VAL A 165 -9.41 -11.02 6.70
C VAL A 165 -10.12 -10.28 5.57
N LEU A 166 -9.53 -9.17 5.14
CA LEU A 166 -10.09 -8.41 4.02
C LEU A 166 -9.82 -9.11 2.69
N LYS A 167 -8.70 -9.83 2.62
CA LYS A 167 -8.35 -10.57 1.40
C LYS A 167 -9.38 -11.66 1.10
N GLN A 168 -9.82 -12.35 2.15
CA GLN A 168 -10.74 -13.47 2.00
C GLN A 168 -12.11 -13.05 1.48
N ILE A 169 -12.71 -12.03 2.10
CA ILE A 169 -14.03 -11.55 1.68
C ILE A 169 -14.00 -10.95 0.27
N LYS A 170 -12.84 -10.43 -0.13
CA LYS A 170 -12.64 -9.91 -1.47
C LYS A 170 -12.68 -11.02 -2.52
N GLU A 171 -12.32 -12.23 -2.12
CA GLU A 171 -12.29 -13.39 -3.01
C GLU A 171 -13.65 -14.06 -3.10
N LYS A 172 -14.25 -14.29 -1.94
CA LYS A 172 -15.49 -15.06 -1.85
C LYS A 172 -16.71 -14.21 -2.21
N ALA A 173 -16.66 -12.92 -1.87
CA ALA A 173 -17.74 -11.99 -2.20
C ALA A 173 -17.18 -10.68 -2.78
N PRO A 174 -16.79 -10.70 -4.07
CA PRO A 174 -16.13 -9.57 -4.73
C PRO A 174 -16.98 -8.30 -4.76
N ASP A 175 -18.30 -8.48 -4.81
CA ASP A 175 -19.24 -7.38 -5.00
C ASP A 175 -19.58 -6.65 -3.69
N VAL A 176 -19.11 -7.17 -2.56
CA VAL A 176 -19.30 -6.48 -1.28
C VAL A 176 -18.05 -5.68 -0.93
N VAL A 177 -18.26 -4.45 -0.47
CA VAL A 177 -17.17 -3.63 0.01
C VAL A 177 -16.62 -4.26 1.30
N PRO A 178 -15.33 -4.65 1.29
CA PRO A 178 -14.71 -5.26 2.46
C PRO A 178 -14.76 -4.32 3.67
N PHE A 179 -14.08 -3.18 3.57
CA PHE A 179 -14.02 -2.20 4.64
C PHE A 179 -14.72 -0.93 4.19
N ALA A 180 -15.79 -0.56 4.89
CA ALA A 180 -16.65 0.56 4.46
C ALA A 180 -16.37 1.82 5.25
N ILE A 181 -15.55 2.70 4.67
CA ILE A 181 -15.17 3.96 5.30
C ILE A 181 -15.41 5.15 4.37
N GLY A 182 -15.22 6.36 4.90
CA GLY A 182 -15.51 7.57 4.14
C GLY A 182 -14.44 8.64 4.18
N LYS A 183 -14.81 9.84 3.77
CA LYS A 183 -13.87 10.96 3.63
C LYS A 183 -13.55 11.64 4.97
N VAL A 184 -14.16 11.15 6.04
CA VAL A 184 -13.92 11.69 7.37
C VAL A 184 -12.95 10.78 8.12
N PHE A 185 -12.57 9.69 7.48
CA PHE A 185 -11.78 8.63 8.12
C PHE A 185 -10.35 9.04 8.42
N ILE A 186 -9.99 8.87 9.69
CA ILE A 186 -8.62 8.99 10.16
C ILE A 186 -8.37 7.70 10.93
N PRO A 187 -7.20 7.07 10.75
CA PRO A 187 -6.92 5.86 11.52
C PRO A 187 -7.04 6.15 13.03
N SER A 188 -7.80 5.32 13.74
CA SER A 188 -7.98 5.47 15.18
C SER A 188 -6.87 4.79 15.95
N ASP A 189 -6.32 5.48 16.94
CA ASP A 189 -5.27 4.94 17.78
C ASP A 189 -5.53 5.30 19.25
N ASN A 190 -4.54 5.06 20.10
CA ASN A 190 -4.64 5.41 21.50
C ASN A 190 -4.13 6.84 21.72
N PHE A 191 -4.71 7.77 20.98
CA PHE A 191 -4.29 9.17 21.02
C PHE A 191 -5.29 10.06 21.73
N ASP A 192 -4.84 11.28 22.00
CA ASP A 192 -5.64 12.26 22.68
C ASP A 192 -5.52 13.63 22.05
N TYR A 193 -6.64 14.15 21.57
CA TYR A 193 -6.68 15.46 20.93
C TYR A 193 -7.14 16.53 21.90
N PRO A 194 -6.19 17.38 22.35
CA PRO A 194 -6.53 18.51 23.20
C PRO A 194 -7.49 19.48 22.53
N VAL A 195 -7.50 19.48 21.19
CA VAL A 195 -8.19 20.51 20.42
C VAL A 195 -8.99 20.01 19.19
N ALA A 196 -8.43 19.07 18.43
CA ALA A 196 -8.96 18.67 17.13
C ALA A 196 -10.50 18.59 17.09
N ASN A 197 -11.15 19.15 16.07
CA ASN A 197 -10.51 19.73 14.87
C ASN A 197 -9.65 20.96 15.13
N GLY A 198 -8.59 21.13 14.35
CA GLY A 198 -8.19 20.21 13.28
C GLY A 198 -6.69 20.17 13.13
N LEU A 199 -6.01 19.88 14.23
CA LEU A 199 -4.55 19.89 14.29
C LEU A 199 -3.99 18.49 14.45
N PRO A 200 -2.77 18.24 13.94
CA PRO A 200 -2.14 16.93 14.03
C PRO A 200 -1.48 16.64 15.39
N PHE A 201 -1.93 17.31 16.44
CA PHE A 201 -1.29 17.19 17.77
C PHE A 201 -2.05 16.27 18.72
N VAL A 202 -1.35 15.22 19.16
CA VAL A 202 -1.95 14.21 20.03
C VAL A 202 -1.14 14.01 21.31
N ILE A 203 -1.71 13.25 22.23
CA ILE A 203 -0.95 12.72 23.35
C ILE A 203 -0.95 11.20 23.23
N ASP A 204 0.23 10.64 22.94
CA ASP A 204 0.38 9.19 22.80
C ASP A 204 0.19 8.46 24.13
N LEU A 205 -1.01 7.92 24.34
CA LEU A 205 -1.33 7.22 25.58
C LEU A 205 -0.58 5.89 25.74
N GLU A 206 0.17 5.52 24.71
CA GLU A 206 1.06 4.36 24.80
C GLU A 206 2.52 4.80 24.86
N GLY A 207 2.74 6.11 24.86
CA GLY A 207 4.09 6.66 24.92
C GLY A 207 4.31 7.57 26.11
N ASP A 208 5.05 8.65 25.88
CA ASP A 208 5.26 9.66 26.90
C ASP A 208 3.97 10.46 27.10
N THR A 209 3.28 10.17 28.20
CA THR A 209 1.99 10.79 28.50
C THR A 209 2.11 12.26 28.92
N THR A 210 3.35 12.75 29.04
CA THR A 210 3.60 14.15 29.41
C THR A 210 3.83 15.06 28.20
N LYS A 211 4.15 14.47 27.07
CA LYS A 211 4.49 15.26 25.87
C LYS A 211 3.36 15.31 24.86
N VAL A 212 3.25 16.44 24.17
CA VAL A 212 2.30 16.57 23.06
C VAL A 212 3.08 16.36 21.75
N VAL A 213 2.60 15.45 20.92
CA VAL A 213 3.35 15.02 19.72
C VAL A 213 2.54 15.11 18.43
N ASN A 214 3.25 15.02 17.30
CA ASN A 214 2.61 14.97 16.00
C ASN A 214 2.28 13.53 15.61
N ARG A 215 1.00 13.28 15.33
CA ARG A 215 0.52 11.93 15.01
C ARG A 215 1.23 11.28 13.82
N TYR A 216 1.66 12.10 12.88
CA TYR A 216 2.36 11.62 11.69
C TYR A 216 3.83 11.30 12.00
N GLU A 217 4.26 11.60 13.22
CA GLU A 217 5.61 11.23 13.63
C GLU A 217 5.62 9.99 14.51
N VAL A 218 4.43 9.54 14.89
CA VAL A 218 4.28 8.31 15.66
C VAL A 218 4.39 7.13 14.70
N PRO A 219 5.48 6.34 14.84
CA PRO A 219 5.85 5.32 13.85
C PRO A 219 4.78 4.25 13.63
N ARG A 220 3.84 4.11 14.56
CA ARG A 220 2.78 3.12 14.42
C ARG A 220 1.54 3.71 13.74
N PHE A 221 1.39 5.02 13.81
CA PHE A 221 0.31 5.69 13.09
C PHE A 221 0.68 5.87 11.63
N LYS A 222 1.97 6.06 11.38
CA LYS A 222 2.49 6.08 10.01
C LYS A 222 2.25 4.70 9.42
N GLU A 223 2.30 3.68 10.28
CA GLU A 223 2.06 2.29 9.88
C GLU A 223 0.62 2.07 9.48
N HIS A 224 -0.31 2.63 10.24
CA HIS A 224 -1.72 2.53 9.92
C HIS A 224 -1.98 3.14 8.55
N LEU A 225 -1.26 4.20 8.24
CA LEU A 225 -1.39 4.86 6.95
C LEU A 225 -0.87 3.98 5.82
N LYS A 226 0.26 3.30 6.05
CA LYS A 226 0.80 2.37 5.07
C LYS A 226 -0.20 1.25 4.85
N THR A 227 -0.76 0.77 5.97
CA THR A 227 -1.72 -0.32 5.97
C THR A 227 -2.94 0.06 5.13
N LEU A 228 -3.40 1.30 5.30
CA LEU A 228 -4.61 1.77 4.62
C LEU A 228 -4.38 2.09 3.16
N HIS A 229 -3.13 2.42 2.81
CA HIS A 229 -2.78 2.62 1.42
C HIS A 229 -2.72 1.27 0.69
N LYS A 230 -2.28 0.24 1.39
CA LYS A 230 -2.32 -1.12 0.88
C LYS A 230 -3.75 -1.57 0.70
N PHE A 231 -4.62 -1.13 1.62
CA PHE A 231 -6.04 -1.42 1.53
C PHE A 231 -6.62 -0.76 0.29
N TYR A 232 -6.15 0.45 -0.01
CA TYR A 232 -6.58 1.20 -1.19
C TYR A 232 -6.18 0.45 -2.45
N GLU A 233 -4.87 0.16 -2.55
CA GLU A 233 -4.30 -0.53 -3.69
C GLU A 233 -4.96 -1.88 -3.92
N ALA A 234 -5.34 -2.54 -2.83
CA ALA A 234 -5.91 -3.88 -2.92
C ALA A 234 -7.40 -3.89 -3.24
N GLY A 235 -8.06 -2.77 -2.98
CA GLY A 235 -9.50 -2.65 -3.26
C GLY A 235 -10.36 -3.06 -2.09
N TYR A 236 -9.81 -2.98 -0.88
CA TYR A 236 -10.57 -3.22 0.34
C TYR A 236 -11.27 -1.93 0.76
N ILE A 237 -10.84 -0.83 0.14
CA ILE A 237 -11.36 0.50 0.39
C ILE A 237 -11.97 1.08 -0.87
N PRO A 238 -13.15 1.71 -0.77
CA PRO A 238 -13.78 2.36 -1.91
C PRO A 238 -12.80 3.31 -2.60
N LYS A 239 -12.66 3.21 -3.92
CA LYS A 239 -11.70 4.04 -4.66
C LYS A 239 -11.94 5.54 -4.44
N ASP A 240 -13.21 5.94 -4.41
CA ASP A 240 -13.59 7.33 -4.23
C ASP A 240 -13.71 7.70 -2.75
N VAL A 241 -12.96 7.01 -1.89
CA VAL A 241 -13.05 7.19 -0.44
C VAL A 241 -12.75 8.61 0.01
N ALA A 242 -11.92 9.30 -0.77
CA ALA A 242 -11.53 10.68 -0.48
C ALA A 242 -12.67 11.68 -0.69
N THR A 243 -13.70 11.26 -1.42
CA THR A 243 -14.86 12.11 -1.72
C THR A 243 -16.15 11.47 -1.22
N SER A 244 -16.06 10.19 -0.86
CA SER A 244 -17.20 9.43 -0.40
C SER A 244 -17.60 9.80 1.03
N ASP A 245 -18.86 10.17 1.19
CA ASP A 245 -19.41 10.53 2.49
C ASP A 245 -20.68 9.74 2.74
N THR A 246 -20.88 8.71 1.93
CA THR A 246 -22.11 7.90 1.94
C THR A 246 -22.13 6.90 3.11
N SER A 247 -23.34 6.61 3.59
CA SER A 247 -23.52 5.63 4.65
C SER A 247 -23.61 4.23 4.07
N PHE A 248 -23.49 3.23 4.95
CA PHE A 248 -23.80 1.85 4.65
C PHE A 248 -24.72 1.40 5.77
N ASP A 249 -26.02 1.31 5.49
CA ASP A 249 -26.97 0.89 6.51
C ASP A 249 -26.58 -0.50 7.04
N LEU A 250 -26.41 -0.57 8.35
CA LEU A 250 -25.96 -1.80 9.02
C LEU A 250 -26.86 -3.00 8.70
N GLN A 251 -28.09 -2.72 8.30
CA GLN A 251 -29.08 -3.75 7.96
C GLN A 251 -28.79 -4.39 6.62
N GLN A 252 -27.87 -3.80 5.87
CA GLN A 252 -27.61 -4.20 4.49
C GLN A 252 -26.24 -4.87 4.35
N ASP A 253 -26.17 -5.91 3.53
CA ASP A 253 -24.93 -6.65 3.33
C ASP A 253 -24.10 -6.10 2.17
N THR A 254 -24.00 -4.78 2.12
CA THR A 254 -23.15 -4.10 1.14
C THR A 254 -21.72 -4.04 1.67
N TRP A 255 -21.59 -4.15 2.98
CA TRP A 255 -20.33 -3.98 3.68
C TRP A 255 -20.00 -5.21 4.49
N PHE A 256 -18.71 -5.44 4.73
CA PHE A 256 -18.28 -6.56 5.56
C PHE A 256 -17.88 -6.10 6.95
N VAL A 257 -17.04 -5.08 7.02
CA VAL A 257 -16.55 -4.56 8.28
C VAL A 257 -16.50 -3.03 8.24
N ARG A 258 -16.78 -2.40 9.37
CA ARG A 258 -16.66 -0.97 9.53
C ARG A 258 -16.12 -0.66 10.91
N GLU A 259 -15.65 0.56 11.12
CA GLU A 259 -15.20 0.97 12.43
C GLU A 259 -16.29 1.74 13.16
N GLU A 260 -16.49 1.42 14.43
CA GLU A 260 -17.54 2.02 15.24
C GLU A 260 -17.02 2.39 16.62
N THR A 261 -17.65 3.41 17.22
CA THR A 261 -17.44 3.72 18.62
C THR A 261 -18.43 2.89 19.43
N VAL A 262 -17.91 2.03 20.29
CA VAL A 262 -18.73 1.15 21.12
C VAL A 262 -18.48 1.41 22.61
N GLY A 263 -19.55 1.40 23.39
CA GLY A 263 -19.44 1.67 24.83
C GLY A 263 -20.40 0.89 25.70
N PRO A 264 -20.39 1.18 27.02
CA PRO A 264 -21.16 0.45 28.02
C PRO A 264 -22.67 0.58 27.83
N ALA A 265 -23.12 1.75 27.37
CA ALA A 265 -24.54 2.00 27.17
C ALA A 265 -25.08 1.28 25.95
N ASP A 266 -24.19 0.58 25.23
CA ASP A 266 -24.55 -0.22 24.07
C ASP A 266 -24.68 -1.70 24.43
N TYR A 267 -24.07 -2.07 25.56
CA TYR A 267 -24.02 -3.46 26.03
C TYR A 267 -23.32 -4.36 25.00
N GLY A 268 -22.10 -3.99 24.66
CA GLY A 268 -21.33 -4.71 23.66
C GLY A 268 -21.93 -4.57 22.26
N ASN A 269 -22.20 -5.71 21.63
CA ASN A 269 -22.75 -5.72 20.29
C ASN A 269 -24.26 -5.90 20.29
N SER A 270 -24.88 -5.66 21.45
CA SER A 270 -26.32 -5.79 21.60
C SER A 270 -27.03 -4.78 20.69
N LEU A 271 -26.67 -3.50 20.85
CA LEU A 271 -27.28 -2.41 20.08
C LEU A 271 -26.91 -2.48 18.60
N LEU A 272 -25.66 -2.81 18.33
CA LEU A 272 -25.20 -2.98 16.95
C LEU A 272 -25.96 -4.09 16.22
N SER A 273 -26.15 -5.22 16.88
CA SER A 273 -26.87 -6.34 16.27
C SER A 273 -28.36 -6.03 16.12
N ARG A 274 -28.83 -5.09 16.93
CA ARG A 274 -30.25 -4.72 16.95
C ARG A 274 -30.62 -3.87 15.75
N VAL A 275 -29.86 -2.81 15.54
CA VAL A 275 -30.12 -1.88 14.46
C VAL A 275 -29.80 -2.52 13.10
N ALA A 276 -28.93 -3.52 13.12
CA ALA A 276 -28.52 -4.20 11.90
C ALA A 276 -29.44 -5.37 11.58
N ASN A 277 -30.22 -5.77 12.58
CA ASN A 277 -31.16 -6.89 12.43
C ASN A 277 -30.47 -8.17 11.98
N LYS A 278 -29.26 -8.38 12.52
CA LYS A 278 -28.42 -9.54 12.26
C LYS A 278 -27.32 -9.54 13.30
N ASP A 279 -26.65 -10.68 13.47
CA ASP A 279 -25.54 -10.78 14.41
C ASP A 279 -24.38 -9.89 13.94
N ILE A 280 -23.97 -8.95 14.79
CA ILE A 280 -22.80 -8.13 14.53
C ILE A 280 -21.71 -8.47 15.56
N GLN A 281 -20.55 -8.88 15.08
CA GLN A 281 -19.42 -9.15 15.96
C GLN A 281 -18.45 -7.98 16.01
N ILE A 282 -17.90 -7.72 17.20
CA ILE A 282 -17.02 -6.57 17.40
C ILE A 282 -15.64 -6.93 17.93
N LYS A 283 -14.64 -6.17 17.51
CA LYS A 283 -13.25 -6.38 17.92
C LYS A 283 -12.61 -5.04 18.25
N PRO A 284 -12.25 -4.83 19.53
CA PRO A 284 -11.55 -3.63 19.99
C PRO A 284 -10.22 -3.40 19.27
N ILE A 285 -9.96 -2.15 18.91
CA ILE A 285 -8.68 -1.78 18.31
C ILE A 285 -8.00 -0.64 19.09
N THR A 286 -8.78 -0.02 19.97
CA THR A 286 -8.26 0.98 20.91
C THR A 286 -8.62 0.59 22.33
N ASN A 287 -8.03 1.25 23.32
CA ASN A 287 -8.29 0.95 24.72
C ASN A 287 -9.53 1.65 25.26
N PHE A 288 -10.09 1.10 26.33
CA PHE A 288 -11.29 1.64 26.95
C PHE A 288 -10.91 2.73 27.95
N ILE A 289 -11.31 3.97 27.67
CA ILE A 289 -10.83 5.12 28.46
C ILE A 289 -11.80 6.30 28.53
N LYS A 290 -11.77 7.01 29.66
CA LYS A 290 -12.54 8.25 29.83
C LYS A 290 -11.72 9.48 29.41
N LYS A 291 -12.18 10.17 28.38
CA LYS A 291 -11.51 11.38 27.90
C LYS A 291 -12.48 12.41 27.32
N ASN A 292 -12.02 13.66 27.30
CA ASN A 292 -12.72 14.78 26.67
C ASN A 292 -13.49 14.42 25.40
N GLN A 293 -12.85 13.69 24.50
CA GLN A 293 -13.46 13.26 23.24
C GLN A 293 -14.74 12.47 23.49
N THR A 294 -14.65 11.55 24.45
CA THR A 294 -15.79 10.71 24.83
C THR A 294 -16.88 11.52 25.54
N THR A 295 -16.48 12.60 26.23
CA THR A 295 -17.44 13.42 26.96
C THR A 295 -18.13 14.43 26.04
N GLN A 296 -17.39 14.91 25.05
CA GLN A 296 -17.89 15.93 24.12
C GLN A 296 -18.47 15.33 22.83
N VAL A 297 -18.64 14.00 22.83
CA VAL A 297 -19.07 13.30 21.61
C VAL A 297 -20.50 13.63 21.20
N ALA A 298 -21.32 14.06 22.16
CA ALA A 298 -22.72 14.39 21.89
C ALA A 298 -23.27 15.43 22.85
N ASN A 299 -22.92 16.68 22.61
CA ASN A 299 -23.34 17.76 23.48
C ASN A 299 -24.51 18.55 22.89
N PHE A 300 -25.42 18.98 23.76
CA PHE A 300 -26.48 19.90 23.36
C PHE A 300 -26.25 21.28 23.96
N VAL A 301 -26.42 22.30 23.13
CA VAL A 301 -26.16 23.67 23.55
C VAL A 301 -27.39 24.54 23.36
N ILE A 302 -27.40 25.69 24.02
CA ILE A 302 -28.46 26.67 23.84
C ILE A 302 -27.85 27.95 23.24
N SER A 303 -28.53 28.50 22.23
CA SER A 303 -28.08 29.70 21.52
C SER A 303 -27.82 30.87 22.46
N ASN A 304 -26.77 31.62 22.17
CA ASN A 304 -26.49 32.87 22.86
C ASN A 304 -27.67 33.82 22.68
N ASN A 305 -28.24 33.83 21.48
CA ASN A 305 -29.35 34.71 21.13
C ASN A 305 -30.71 34.12 21.45
N SER A 306 -30.72 32.93 22.05
CA SER A 306 -31.97 32.22 22.36
C SER A 306 -32.84 33.01 23.33
N LYS A 307 -34.12 33.17 22.97
CA LYS A 307 -35.04 33.93 23.80
C LYS A 307 -35.94 33.04 24.66
N ASN A 308 -35.75 31.73 24.52
CA ASN A 308 -36.35 30.75 25.41
C ASN A 308 -35.27 29.85 26.02
N LYS A 309 -34.36 30.49 26.76
CA LYS A 309 -33.23 29.79 27.38
C LYS A 309 -33.68 28.91 28.54
N GLU A 310 -34.47 29.49 29.44
CA GLU A 310 -34.97 28.78 30.62
C GLU A 310 -35.87 27.61 30.21
N LYS A 311 -36.60 27.79 29.11
CA LYS A 311 -37.45 26.73 28.58
C LYS A 311 -36.64 25.65 27.89
N SER A 312 -35.57 26.07 27.19
CA SER A 312 -34.72 25.14 26.47
C SER A 312 -34.10 24.09 27.40
N MET A 313 -33.64 24.53 28.57
CA MET A 313 -33.11 23.63 29.57
C MET A 313 -34.20 22.73 30.15
N GLU A 314 -35.39 23.31 30.32
CA GLU A 314 -36.55 22.57 30.83
C GLU A 314 -36.96 21.42 29.90
N ILE A 315 -36.48 21.46 28.67
CA ILE A 315 -36.80 20.44 27.68
C ILE A 315 -35.68 19.42 27.58
N LEU A 316 -34.45 19.92 27.62
CA LEU A 316 -33.28 19.05 27.68
C LEU A 316 -33.26 18.26 29.00
N ASN A 317 -33.97 18.78 30.00
CA ASN A 317 -34.18 18.05 31.24
C ASN A 317 -35.13 16.87 31.02
N LEU A 318 -36.31 17.17 30.48
CA LEU A 318 -37.30 16.16 30.16
C LEU A 318 -36.77 15.10 29.21
N LEU A 319 -35.85 15.50 28.33
CA LEU A 319 -35.23 14.57 27.41
C LEU A 319 -34.29 13.58 28.08
N ASN A 320 -33.78 13.95 29.26
CA ASN A 320 -32.81 13.11 29.95
C ASN A 320 -33.32 12.51 31.26
N THR A 321 -34.57 12.81 31.61
CA THR A 321 -35.14 12.35 32.89
C THR A 321 -36.44 11.55 32.75
N ASN A 322 -37.16 11.74 31.65
CA ASN A 322 -38.43 11.03 31.43
C ASN A 322 -38.29 9.79 30.53
N PRO A 323 -38.45 8.59 31.12
CA PRO A 323 -38.34 7.31 30.40
C PRO A 323 -39.34 7.16 29.27
N GLU A 324 -40.59 7.56 29.50
CA GLU A 324 -41.63 7.45 28.47
C GLU A 324 -41.32 8.32 27.25
N LEU A 325 -41.00 9.58 27.51
CA LEU A 325 -40.76 10.56 26.46
C LEU A 325 -39.56 10.19 25.59
N LEU A 326 -38.49 9.74 26.23
CA LEU A 326 -37.25 9.44 25.53
C LEU A 326 -37.35 8.19 24.66
N ASN A 327 -37.89 7.12 25.23
CA ASN A 327 -38.08 5.87 24.50
C ASN A 327 -39.09 6.02 23.35
N GLY A 328 -39.97 7.00 23.46
CA GLY A 328 -40.94 7.32 22.42
C GLY A 328 -40.28 7.91 21.19
N LEU A 329 -39.00 8.24 21.33
CA LEU A 329 -38.21 8.80 20.24
C LEU A 329 -37.08 7.88 19.83
N VAL A 330 -36.45 7.25 20.82
CA VAL A 330 -35.30 6.38 20.59
C VAL A 330 -35.72 4.99 20.09
N TYR A 331 -36.75 4.43 20.70
CA TYR A 331 -37.29 3.14 20.26
C TYR A 331 -38.38 3.32 19.20
N GLY A 332 -39.05 4.47 19.23
CA GLY A 332 -40.16 4.74 18.33
C GLY A 332 -41.50 4.48 18.98
N PRO A 333 -42.60 4.58 18.20
CA PRO A 333 -43.96 4.35 18.70
C PRO A 333 -44.13 2.97 19.31
N GLU A 334 -44.87 2.90 20.42
CA GLU A 334 -45.09 1.65 21.13
C GLU A 334 -46.13 0.82 20.40
N GLY A 335 -45.96 -0.50 20.42
CA GLY A 335 -46.86 -1.42 19.74
C GLY A 335 -46.55 -1.58 18.26
N LYS A 336 -45.92 -0.56 17.69
CA LYS A 336 -45.53 -0.58 16.27
C LYS A 336 -44.06 -0.99 16.14
N ASN A 337 -43.19 -0.28 16.86
CA ASN A 337 -41.76 -0.53 16.83
C ASN A 337 -41.27 -1.37 18.00
N TRP A 338 -42.05 -1.40 19.08
CA TRP A 338 -41.67 -2.13 20.30
C TRP A 338 -42.85 -2.48 21.20
N GLU A 339 -42.65 -3.48 22.06
CA GLU A 339 -43.62 -3.83 23.09
C GLU A 339 -42.88 -4.13 24.40
N LYS A 340 -43.57 -3.93 25.52
CA LYS A 340 -42.99 -4.21 26.83
C LYS A 340 -43.05 -5.70 27.17
N ILE A 341 -42.03 -6.19 27.87
CA ILE A 341 -41.98 -7.58 28.30
C ILE A 341 -42.62 -7.75 29.67
N GLU A 342 -43.82 -8.33 29.70
CA GLU A 342 -44.52 -8.62 30.95
C GLU A 342 -43.75 -9.66 31.76
N GLY A 343 -43.48 -9.33 33.02
CA GLY A 343 -42.70 -10.20 33.90
C GLY A 343 -41.43 -9.51 34.36
N LYS A 344 -40.60 -9.12 33.39
CA LYS A 344 -39.37 -8.39 33.67
C LYS A 344 -39.57 -6.90 33.42
N GLU A 345 -39.22 -6.08 34.42
CA GLU A 345 -39.32 -4.63 34.31
C GLU A 345 -38.15 -4.05 33.50
N ASN A 346 -38.34 -2.85 32.96
CA ASN A 346 -37.29 -2.14 32.20
C ASN A 346 -36.84 -2.91 30.94
N ARG A 347 -37.62 -3.91 30.55
CA ARG A 347 -37.30 -4.74 29.38
C ARG A 347 -38.37 -4.70 28.30
N VAL A 348 -37.92 -4.58 27.05
CA VAL A 348 -38.79 -4.48 25.88
C VAL A 348 -38.27 -5.38 24.78
N ARG A 349 -39.03 -5.46 23.68
CA ARG A 349 -38.55 -6.08 22.45
C ARG A 349 -38.98 -5.28 21.23
N VAL A 350 -38.04 -5.03 20.33
CA VAL A 350 -38.33 -4.30 19.09
C VAL A 350 -39.11 -5.18 18.13
N LEU A 351 -40.06 -4.57 17.42
CA LEU A 351 -40.89 -5.28 16.47
C LEU A 351 -40.43 -4.96 15.04
N ASP A 352 -41.35 -5.09 14.09
CA ASP A 352 -41.02 -4.86 12.68
C ASP A 352 -40.96 -3.37 12.35
N GLY A 353 -41.70 -2.56 13.10
CA GLY A 353 -41.73 -1.12 12.91
C GLY A 353 -40.38 -0.47 13.18
N TYR A 354 -39.60 -1.08 14.07
CA TYR A 354 -38.28 -0.55 14.42
C TYR A 354 -37.30 -0.56 13.25
N LYS A 355 -37.26 -1.68 12.52
CA LYS A 355 -36.39 -1.83 11.35
C LYS A 355 -36.68 -0.76 10.30
N GLY A 356 -35.85 0.28 10.28
CA GLY A 356 -36.03 1.38 9.34
C GLY A 356 -36.06 2.74 10.01
N ASN A 357 -36.11 3.79 9.19
CA ASN A 357 -36.07 5.17 9.67
C ASN A 357 -37.34 5.56 10.43
N THR A 358 -37.62 4.82 11.51
CA THR A 358 -38.84 5.01 12.29
C THR A 358 -38.53 5.32 13.75
N HIS A 359 -37.28 5.67 14.01
CA HIS A 359 -36.80 5.96 15.36
C HIS A 359 -35.56 6.86 15.29
N MET A 360 -35.12 7.33 16.46
CA MET A 360 -33.90 8.13 16.53
C MET A 360 -32.76 7.32 17.17
N GLY A 361 -31.59 7.93 17.28
CA GLY A 361 -30.44 7.30 17.95
C GLY A 361 -30.33 7.76 19.39
N GLY A 362 -30.07 6.83 20.30
CA GLY A 362 -30.00 7.13 21.74
C GLY A 362 -28.81 7.95 22.18
N TRP A 363 -27.68 7.78 21.47
CA TRP A 363 -26.43 8.44 21.82
C TRP A 363 -26.49 9.95 21.70
N ASN A 364 -27.42 10.45 20.87
CA ASN A 364 -27.54 11.88 20.62
C ASN A 364 -28.97 12.40 20.79
N THR A 365 -29.69 11.84 21.76
CA THR A 365 -31.05 12.28 22.04
C THR A 365 -31.29 12.47 23.54
N GLY A 366 -30.61 11.68 24.36
CA GLY A 366 -30.75 11.80 25.80
C GLY A 366 -30.21 10.63 26.58
N ASN A 367 -30.38 10.72 27.91
CA ASN A 367 -29.84 9.75 28.86
C ASN A 367 -30.02 8.29 28.43
N ASN A 368 -28.90 7.64 28.15
CA ASN A 368 -28.89 6.25 27.68
C ASN A 368 -29.25 5.24 28.77
N TRP A 369 -29.37 5.73 30.01
CA TRP A 369 -29.61 4.85 31.15
C TRP A 369 -31.09 4.71 31.47
N ILE A 370 -31.87 5.75 31.15
CA ILE A 370 -33.32 5.67 31.28
C ILE A 370 -33.94 5.05 30.03
N LEU A 371 -33.09 4.49 29.18
CA LEU A 371 -33.52 3.75 28.00
C LEU A 371 -33.87 2.31 28.36
N TYR A 372 -35.02 1.85 27.89
CA TYR A 372 -35.39 0.45 28.08
C TYR A 372 -34.37 -0.44 27.39
N ILE A 373 -34.22 -1.66 27.89
CA ILE A 373 -33.23 -2.59 27.36
C ILE A 373 -33.90 -3.68 26.52
N ASN A 374 -33.33 -3.94 25.34
CA ASN A 374 -33.92 -4.89 24.38
C ASN A 374 -33.65 -6.35 24.73
N GLU A 375 -34.53 -7.22 24.24
CA GLU A 375 -34.51 -8.66 24.50
C GLU A 375 -33.16 -9.34 24.23
N ASN A 376 -32.40 -8.83 23.26
CA ASN A 376 -31.15 -9.48 22.84
C ASN A 376 -29.98 -9.21 23.77
N VAL A 377 -30.18 -8.41 24.80
CA VAL A 377 -29.12 -8.12 25.76
C VAL A 377 -29.05 -9.21 26.82
N THR A 378 -27.93 -9.93 26.85
CA THR A 378 -27.75 -11.03 27.80
C THR A 378 -27.55 -10.51 29.22
N ASP A 379 -27.78 -11.37 30.20
CA ASP A 379 -27.55 -11.04 31.60
C ASP A 379 -26.06 -10.77 31.87
N GLN A 380 -25.20 -11.42 31.07
CA GLN A 380 -23.76 -11.19 31.14
C GLN A 380 -23.36 -9.88 30.45
N GLN A 381 -24.19 -9.41 29.52
CA GLN A 381 -23.95 -8.15 28.82
C GLN A 381 -24.25 -6.94 29.70
N ILE A 382 -25.20 -7.12 30.63
CA ILE A 382 -25.52 -6.08 31.60
C ILE A 382 -24.45 -6.04 32.68
N GLU A 383 -23.98 -7.23 33.07
CA GLU A 383 -22.93 -7.37 34.08
C GLU A 383 -21.63 -6.76 33.58
N ASN A 384 -21.38 -6.89 32.27
CA ASN A 384 -20.19 -6.33 31.64
C ASN A 384 -20.29 -4.81 31.47
N SER A 385 -21.52 -4.30 31.44
CA SER A 385 -21.73 -2.86 31.33
C SER A 385 -21.56 -2.20 32.69
N LYS A 386 -21.62 -3.02 33.74
CA LYS A 386 -21.35 -2.55 35.09
C LYS A 386 -19.86 -2.68 35.39
N LYS A 387 -19.24 -3.68 34.78
CA LYS A 387 -17.82 -3.98 35.00
C LYS A 387 -16.93 -2.99 34.28
N GLU A 388 -17.26 -2.71 33.01
CA GLU A 388 -16.53 -1.73 32.20
C GLU A 388 -16.69 -0.33 32.78
N LEU A 389 -17.90 -0.01 33.22
CA LEU A 389 -18.23 1.28 33.81
C LEU A 389 -17.33 1.61 34.99
N ALA A 390 -17.33 0.72 35.99
CA ALA A 390 -16.58 0.94 37.21
C ALA A 390 -15.07 0.87 37.00
N GLU A 391 -14.64 -0.01 36.10
CA GLU A 391 -13.20 -0.19 35.82
C GLU A 391 -12.66 0.78 34.78
N ALA A 392 -13.51 1.68 34.30
CA ALA A 392 -13.13 2.65 33.27
C ALA A 392 -12.03 3.62 33.74
N LYS A 393 -10.89 3.58 33.04
CA LYS A 393 -9.76 4.45 33.35
C LYS A 393 -9.89 5.83 32.69
N GLU A 394 -9.22 6.81 33.26
CA GLU A 394 -9.26 8.18 32.74
C GLU A 394 -7.96 8.59 32.09
N SER A 395 -8.05 9.32 31.00
CA SER A 395 -6.89 9.93 30.37
C SER A 395 -6.38 11.08 31.24
N PRO A 396 -5.05 11.17 31.43
CA PRO A 396 -4.44 12.22 32.23
C PRO A 396 -4.71 13.63 31.68
N ALA A 397 -5.20 13.69 30.44
CA ALA A 397 -5.52 14.96 29.81
C ALA A 397 -7.01 15.29 29.89
N LEU A 398 -7.78 14.41 30.53
CA LEU A 398 -9.20 14.69 30.73
C LEU A 398 -9.38 15.93 31.59
N GLY A 399 -10.11 16.90 31.05
CA GLY A 399 -10.26 18.19 31.72
C GLY A 399 -9.29 19.22 31.19
N PHE A 400 -8.34 18.77 30.37
CA PHE A 400 -7.38 19.69 29.75
C PHE A 400 -7.98 20.37 28.53
N ILE A 401 -8.57 21.54 28.77
CA ILE A 401 -9.10 22.37 27.71
C ILE A 401 -8.03 23.37 27.31
N PHE A 402 -7.64 23.34 26.04
CA PHE A 402 -6.56 24.19 25.54
C PHE A 402 -7.00 25.64 25.39
N ASN A 403 -6.15 26.55 25.84
CA ASN A 403 -6.42 27.99 25.72
C ASN A 403 -5.78 28.58 24.47
N THR A 404 -6.63 29.18 23.63
CA THR A 404 -6.24 29.56 22.28
C THR A 404 -6.10 31.07 22.10
N ASP A 405 -6.17 31.80 23.22
CA ASP A 405 -6.11 33.26 23.21
C ASP A 405 -4.87 33.75 22.47
N ASN A 406 -3.74 33.05 22.64
CA ASN A 406 -2.47 33.46 22.06
C ASN A 406 -2.26 33.01 20.62
N VAL A 407 -3.04 32.02 20.19
CA VAL A 407 -2.75 31.30 18.94
C VAL A 407 -3.96 31.04 18.04
N LYS A 408 -5.01 31.83 18.18
CA LYS A 408 -6.25 31.63 17.42
C LYS A 408 -6.04 31.61 15.89
N SER A 409 -5.09 32.42 15.42
CA SER A 409 -4.82 32.53 13.98
C SER A 409 -3.66 31.64 13.53
N GLU A 410 -2.79 31.26 14.47
CA GLU A 410 -1.70 30.32 14.18
C GLU A 410 -2.26 28.91 14.01
N ILE A 411 -3.47 28.70 14.55
CA ILE A 411 -4.19 27.46 14.39
C ILE A 411 -4.70 27.31 12.96
N SER A 412 -5.38 28.35 12.47
CA SER A 412 -6.00 28.31 11.14
C SER A 412 -4.97 28.24 10.02
N ALA A 413 -3.72 28.58 10.32
CA ALA A 413 -2.63 28.47 9.34
C ALA A 413 -2.25 27.00 9.15
N ILE A 414 -2.26 26.26 10.25
CA ILE A 414 -1.98 24.82 10.23
C ILE A 414 -3.18 24.04 9.72
N ALA A 415 -4.36 24.39 10.22
CA ALA A 415 -5.62 23.78 9.79
C ALA A 415 -5.98 24.16 8.35
N ASN A 416 -5.03 24.75 7.64
CA ASN A 416 -5.19 25.11 6.23
C ASN A 416 -4.28 24.25 5.38
N THR A 417 -3.05 24.12 5.85
CA THR A 417 -2.04 23.29 5.22
C THR A 417 -2.44 21.83 5.33
N MET A 418 -3.12 21.48 6.40
CA MET A 418 -3.65 20.13 6.59
C MET A 418 -4.73 19.87 5.56
N GLN A 419 -5.76 20.72 5.56
CA GLN A 419 -6.92 20.55 4.69
C GLN A 419 -6.55 20.36 3.22
N GLN A 420 -5.35 20.81 2.85
CA GLN A 420 -4.84 20.65 1.49
C GLN A 420 -4.26 19.27 1.26
N PHE A 421 -4.07 18.50 2.33
CA PHE A 421 -3.33 17.25 2.22
C PHE A 421 -3.86 16.09 3.07
N ASP A 422 -4.46 16.41 4.22
CA ASP A 422 -4.80 15.39 5.22
C ASP A 422 -5.81 14.34 4.76
N THR A 423 -6.80 14.76 3.96
CA THR A 423 -7.85 13.86 3.50
C THR A 423 -7.24 12.76 2.65
N ALA A 424 -6.45 13.13 1.65
CA ALA A 424 -5.78 12.16 0.77
C ALA A 424 -4.86 11.21 1.53
N ILE A 425 -4.32 11.69 2.66
CA ILE A 425 -3.36 10.94 3.47
C ILE A 425 -4.05 9.99 4.46
N ASN A 426 -4.92 10.54 5.29
CA ASN A 426 -5.60 9.77 6.34
C ASN A 426 -6.50 8.67 5.81
N THR A 427 -6.81 8.75 4.52
CA THR A 427 -7.67 7.77 3.89
C THR A 427 -6.87 6.77 3.09
N GLY A 428 -5.55 6.96 3.05
CA GLY A 428 -4.66 6.02 2.37
C GLY A 428 -4.69 6.09 0.86
N THR A 429 -5.33 7.14 0.31
CA THR A 429 -5.36 7.32 -1.15
C THR A 429 -3.96 7.52 -1.70
N VAL A 430 -3.13 8.24 -0.95
CA VAL A 430 -1.75 8.47 -1.37
C VAL A 430 -0.75 7.74 -0.48
N ASP A 431 0.44 7.49 -1.02
CA ASP A 431 1.49 6.79 -0.30
C ASP A 431 2.06 7.65 0.81
N PRO A 432 1.90 7.21 2.07
CA PRO A 432 2.39 7.97 3.21
C PRO A 432 3.88 8.23 3.12
N ASP A 433 4.61 7.29 2.52
CA ASP A 433 6.06 7.43 2.38
C ASP A 433 6.49 8.65 1.55
N LYS A 434 5.55 9.19 0.77
CA LYS A 434 5.83 10.32 -0.10
C LYS A 434 5.09 11.58 0.32
N ALA A 435 3.88 11.39 0.85
CA ALA A 435 3.00 12.52 1.19
C ALA A 435 3.21 13.07 2.59
N ILE A 436 3.53 12.19 3.55
CA ILE A 436 3.79 12.62 4.92
C ILE A 436 4.97 13.58 5.03
N PRO A 437 6.06 13.36 4.25
CA PRO A 437 7.14 14.36 4.35
C PRO A 437 6.72 15.69 3.75
N GLU A 438 5.87 15.65 2.74
CA GLU A 438 5.36 16.88 2.12
C GLU A 438 4.63 17.73 3.15
N LEU A 439 3.74 17.10 3.91
CA LEU A 439 2.97 17.77 4.94
C LEU A 439 3.88 18.38 6.01
N MET A 440 4.80 17.57 6.52
CA MET A 440 5.70 18.00 7.58
C MET A 440 6.52 19.24 7.20
N GLU A 441 7.16 19.16 6.04
CA GLU A 441 8.02 20.23 5.54
C GLU A 441 7.25 21.55 5.38
N LYS A 442 6.04 21.49 4.82
CA LYS A 442 5.19 22.66 4.65
C LYS A 442 4.74 23.21 6.00
N LEU A 443 4.55 22.31 6.96
CA LEU A 443 4.15 22.69 8.32
C LEU A 443 5.29 23.36 9.08
N LYS A 444 6.46 22.72 9.09
CA LYS A 444 7.62 23.23 9.81
C LYS A 444 8.20 24.50 9.20
N SER A 445 7.90 24.72 7.92
CA SER A 445 8.35 25.93 7.23
C SER A 445 7.62 27.17 7.75
N GLU A 446 6.44 26.97 8.33
CA GLU A 446 5.57 28.07 8.74
C GLU A 446 6.10 28.84 9.95
N GLY A 447 6.07 28.21 11.12
CA GLY A 447 6.41 28.87 12.37
C GLY A 447 5.23 28.83 13.32
N ALA A 448 4.03 28.76 12.76
CA ALA A 448 2.81 28.57 13.54
C ALA A 448 2.76 27.16 14.12
N TYR A 449 3.51 26.25 13.48
CA TYR A 449 3.65 24.89 13.97
C TYR A 449 4.29 24.89 15.35
N GLU A 450 5.57 25.26 15.40
CA GLU A 450 6.33 25.28 16.66
C GLU A 450 5.68 26.16 17.73
N LYS A 451 5.02 27.25 17.31
CA LYS A 451 4.37 28.17 18.25
C LYS A 451 3.21 27.52 18.98
N VAL A 452 2.34 26.85 18.22
CA VAL A 452 1.19 26.13 18.80
C VAL A 452 1.68 24.88 19.54
N LEU A 453 2.69 24.21 18.99
CA LEU A 453 3.26 23.02 19.61
C LEU A 453 3.81 23.32 21.00
N ASN A 454 4.65 24.36 21.09
CA ASN A 454 5.22 24.80 22.36
C ASN A 454 4.17 25.27 23.35
N GLU A 455 3.25 26.10 22.87
CA GLU A 455 2.17 26.64 23.69
C GLU A 455 1.34 25.50 24.27
N MET A 456 1.05 24.50 23.44
CA MET A 456 0.25 23.36 23.85
C MET A 456 0.96 22.55 24.92
N GLN A 457 2.27 22.32 24.72
CA GLN A 457 3.09 21.61 25.69
C GLN A 457 3.17 22.40 26.98
N LYS A 458 3.26 23.73 26.85
CA LYS A 458 3.40 24.64 27.98
C LYS A 458 2.19 24.62 28.90
N GLN A 459 0.99 24.62 28.32
CA GLN A 459 -0.24 24.58 29.09
C GLN A 459 -0.46 23.20 29.71
N TYR A 460 -0.06 22.17 28.99
CA TYR A 460 -0.24 20.80 29.44
C TYR A 460 0.70 20.48 30.60
N ASP A 461 1.88 21.09 30.58
CA ASP A 461 2.82 21.00 31.70
C ASP A 461 2.22 21.60 32.97
N GLU A 462 1.58 22.77 32.84
CA GLU A 462 0.92 23.44 33.97
C GLU A 462 -0.28 22.64 34.49
N PHE A 463 -0.83 21.81 33.61
CA PHE A 463 -2.00 20.99 33.95
C PHE A 463 -1.58 19.76 34.76
N LEU A 464 -0.41 19.22 34.46
CA LEU A 464 0.13 18.08 35.19
C LEU A 464 0.98 18.52 36.36
N LYS A 465 1.41 19.78 36.33
CA LYS A 465 2.21 20.39 37.40
C LYS A 465 1.41 20.43 38.69
N ASN A 466 0.13 20.77 38.56
CA ASN A 466 -0.78 20.86 39.70
C ASN A 466 -1.07 19.51 40.33
N LYS B 17 41.62 -30.11 -35.47
CA LYS B 17 41.06 -29.10 -34.52
C LYS B 17 39.54 -29.14 -34.49
N PRO B 18 38.97 -29.41 -33.31
CA PRO B 18 37.53 -29.60 -33.14
C PRO B 18 36.74 -28.30 -33.18
N VAL B 19 35.50 -28.39 -33.67
CA VAL B 19 34.59 -27.25 -33.72
C VAL B 19 33.67 -27.24 -32.49
N ILE B 20 33.78 -26.19 -31.68
CA ILE B 20 32.94 -26.03 -30.50
C ILE B 20 31.63 -25.31 -30.85
N LYS B 21 30.51 -26.02 -30.69
CA LYS B 21 29.20 -25.45 -31.00
C LYS B 21 28.63 -24.64 -29.83
N MET B 22 28.24 -23.39 -30.11
CA MET B 22 27.69 -22.50 -29.08
C MET B 22 26.36 -21.85 -29.49
N TYR B 23 25.37 -21.97 -28.60
CA TYR B 23 24.07 -21.32 -28.80
C TYR B 23 24.02 -19.97 -28.12
N GLN B 24 23.36 -19.01 -28.76
CA GLN B 24 23.30 -17.65 -28.23
C GLN B 24 21.94 -16.97 -28.43
N ILE B 25 21.49 -16.26 -27.40
CA ILE B 25 20.27 -15.46 -27.44
C ILE B 25 20.49 -14.19 -28.26
N GLY B 26 19.41 -13.67 -28.83
CA GLY B 26 19.49 -12.43 -29.58
C GLY B 26 19.72 -12.62 -31.06
N ASP B 27 19.81 -11.49 -31.76
CA ASP B 27 19.93 -11.52 -33.20
C ASP B 27 21.37 -11.50 -33.68
N LYS B 28 21.62 -12.37 -34.65
CA LYS B 28 22.86 -12.48 -35.42
C LYS B 28 23.38 -11.11 -35.87
N PRO B 29 24.62 -10.75 -35.47
CA PRO B 29 25.33 -9.60 -36.04
C PRO B 29 25.25 -9.53 -37.56
N ASP B 30 25.71 -8.42 -38.15
CA ASP B 30 25.79 -8.38 -39.60
C ASP B 30 27.21 -8.69 -40.06
N ASN B 31 27.94 -9.48 -39.26
CA ASN B 31 29.37 -9.76 -39.50
C ASN B 31 30.03 -10.79 -38.58
N LEU B 32 29.31 -11.84 -38.21
CA LEU B 32 29.88 -12.90 -37.36
C LEU B 32 31.09 -13.51 -38.02
N ASP B 33 30.96 -13.76 -39.33
CA ASP B 33 31.99 -14.38 -40.14
C ASP B 33 33.29 -13.68 -39.83
N GLU B 34 33.27 -12.37 -40.01
CA GLU B 34 34.39 -11.49 -39.69
C GLU B 34 34.76 -11.61 -38.21
N LEU B 35 33.74 -11.62 -37.35
CA LEU B 35 33.95 -11.68 -35.91
C LEU B 35 34.50 -13.03 -35.49
N LEU B 36 33.81 -14.10 -35.88
CA LEU B 36 34.27 -15.47 -35.60
C LEU B 36 35.62 -15.74 -36.23
N ALA B 37 35.85 -15.18 -37.41
CA ALA B 37 37.16 -15.26 -38.05
C ALA B 37 38.22 -14.70 -37.12
N ASN B 38 38.15 -13.39 -36.84
CA ASN B 38 39.10 -12.73 -35.94
C ASN B 38 39.23 -13.42 -34.60
N ALA B 39 38.09 -13.88 -34.06
CA ALA B 39 38.04 -14.53 -32.76
C ALA B 39 38.78 -15.87 -32.75
N ASN B 40 38.43 -16.75 -33.69
CA ASN B 40 39.00 -18.09 -33.73
C ASN B 40 40.51 -18.09 -33.96
N LYS B 41 41.02 -16.98 -34.50
CA LYS B 41 42.43 -16.80 -34.76
C LYS B 41 43.26 -16.84 -33.48
N ILE B 42 42.64 -16.49 -32.35
CA ILE B 42 43.27 -16.64 -31.05
C ILE B 42 42.80 -17.94 -30.41
N ILE B 43 41.52 -18.26 -30.58
CA ILE B 43 40.98 -19.52 -30.09
C ILE B 43 41.83 -20.70 -30.57
N GLU B 44 42.12 -20.73 -31.87
CA GLU B 44 42.84 -21.86 -32.47
C GLU B 44 44.24 -22.12 -31.92
N GLU B 45 45.21 -21.27 -32.23
CA GLU B 45 46.59 -21.51 -31.80
C GLU B 45 46.74 -21.58 -30.28
N LYS B 46 45.90 -20.84 -29.55
CA LYS B 46 46.00 -20.77 -28.09
C LYS B 46 45.45 -22.00 -27.36
N VAL B 47 44.30 -22.54 -27.82
CA VAL B 47 43.74 -23.73 -27.17
C VAL B 47 43.65 -24.96 -28.07
N GLY B 48 43.51 -24.74 -29.38
CA GLY B 48 43.44 -25.84 -30.33
C GLY B 48 42.03 -26.26 -30.68
N ALA B 49 41.15 -25.28 -30.90
CA ALA B 49 39.77 -25.53 -31.31
C ALA B 49 39.17 -24.29 -31.98
N LYS B 50 38.05 -24.48 -32.68
CA LYS B 50 37.41 -23.38 -33.41
C LYS B 50 35.93 -23.26 -33.03
N LEU B 51 35.62 -22.25 -32.22
CA LEU B 51 34.25 -22.02 -31.76
C LEU B 51 33.33 -21.59 -32.90
N ASP B 52 32.04 -21.84 -32.71
CA ASP B 52 31.00 -21.42 -33.65
C ASP B 52 29.75 -21.01 -32.88
N ILE B 53 29.11 -19.93 -33.33
CA ILE B 53 27.92 -19.43 -32.63
C ILE B 53 26.68 -19.44 -33.55
N GLN B 54 25.58 -19.98 -33.03
CA GLN B 54 24.29 -19.94 -33.73
C GLN B 54 23.28 -19.15 -32.89
N TYR B 55 22.69 -18.12 -33.48
CA TYR B 55 21.77 -17.24 -32.77
C TYR B 55 20.33 -17.71 -32.89
N LEU B 56 19.61 -17.69 -31.78
CA LEU B 56 18.26 -18.23 -31.72
C LEU B 56 17.20 -17.14 -31.57
N GLY B 57 17.63 -15.89 -31.55
CA GLY B 57 16.72 -14.75 -31.44
C GLY B 57 16.30 -14.44 -30.02
N TRP B 58 15.43 -13.45 -29.88
CA TRP B 58 14.99 -12.98 -28.56
C TRP B 58 13.69 -13.62 -28.10
N GLY B 59 12.63 -13.34 -28.83
CA GLY B 59 11.25 -13.67 -28.44
C GLY B 59 11.01 -15.01 -27.78
N ASP B 60 11.31 -16.09 -28.50
CA ASP B 60 10.95 -17.43 -28.04
C ASP B 60 12.14 -18.32 -27.71
N TYR B 61 13.23 -17.73 -27.23
CA TYR B 61 14.45 -18.46 -26.86
C TYR B 61 14.18 -19.60 -25.88
N GLY B 62 13.35 -19.32 -24.88
CA GLY B 62 12.97 -20.32 -23.87
C GLY B 62 12.45 -21.59 -24.50
N LYS B 63 11.43 -21.44 -25.34
CA LYS B 63 10.86 -22.56 -26.08
C LYS B 63 11.88 -23.14 -27.05
N LYS B 64 12.62 -22.27 -27.74
CA LYS B 64 13.66 -22.71 -28.67
C LYS B 64 14.72 -23.55 -27.97
N MET B 65 15.17 -23.10 -26.80
CA MET B 65 16.18 -23.80 -26.03
C MET B 65 15.63 -25.06 -25.35
N SER B 66 14.39 -24.97 -24.84
CA SER B 66 13.76 -26.11 -24.18
CA SER B 66 13.76 -26.11 -24.17
C SER B 66 13.64 -27.30 -25.12
N VAL B 67 13.34 -27.01 -26.40
CA VAL B 67 13.29 -28.03 -27.44
C VAL B 67 14.65 -28.71 -27.55
N ILE B 68 15.71 -27.90 -27.50
CA ILE B 68 17.09 -28.38 -27.56
C ILE B 68 17.41 -29.22 -26.33
N THR B 69 17.05 -28.74 -25.15
CA THR B 69 17.36 -29.41 -23.89
C THR B 69 16.60 -30.73 -23.74
N SER B 70 15.29 -30.68 -23.94
CA SER B 70 14.43 -31.86 -23.73
C SER B 70 14.66 -32.97 -24.76
N SER B 71 14.77 -32.60 -26.04
CA SER B 71 14.98 -33.58 -27.10
C SER B 71 16.45 -34.03 -27.18
N GLY B 72 17.29 -33.48 -26.31
CA GLY B 72 18.70 -33.85 -26.24
C GLY B 72 19.49 -33.61 -27.52
N GLU B 73 19.40 -32.38 -28.03
CA GLU B 73 20.19 -31.96 -29.20
C GLU B 73 21.68 -31.91 -28.83
N ASN B 74 22.54 -31.76 -29.83
CA ASN B 74 23.98 -31.85 -29.64
C ASN B 74 24.68 -30.50 -29.76
N TYR B 75 24.87 -29.82 -28.63
CA TYR B 75 25.66 -28.59 -28.59
C TYR B 75 26.88 -28.76 -27.68
N ASP B 76 27.69 -27.72 -27.57
CA ASP B 76 28.84 -27.75 -26.66
C ASP B 76 28.74 -26.69 -25.57
N ILE B 77 28.37 -25.48 -25.97
CA ILE B 77 28.14 -24.38 -25.02
C ILE B 77 26.80 -23.75 -25.34
N ALA B 78 26.08 -23.28 -24.33
CA ALA B 78 24.79 -22.64 -24.57
C ALA B 78 24.48 -21.58 -23.54
N PHE B 79 23.86 -20.49 -24.00
CA PHE B 79 23.28 -19.50 -23.11
C PHE B 79 22.09 -20.18 -22.44
N ALA B 80 22.24 -20.49 -21.15
CA ALA B 80 21.23 -21.26 -20.43
C ALA B 80 19.91 -20.51 -20.25
N ASP B 81 18.81 -21.22 -20.46
CA ASP B 81 17.48 -20.71 -20.15
C ASP B 81 16.94 -21.49 -18.96
N ASN B 82 16.42 -20.75 -17.97
CA ASN B 82 15.91 -21.36 -16.76
C ASN B 82 16.97 -22.27 -16.13
N TYR B 83 18.03 -21.66 -15.62
CA TYR B 83 19.20 -22.37 -15.12
C TYR B 83 18.90 -23.27 -13.92
N ILE B 84 18.19 -22.72 -12.94
CA ILE B 84 17.91 -23.40 -11.67
C ILE B 84 17.19 -24.74 -11.85
N VAL B 85 16.24 -24.80 -12.78
CA VAL B 85 15.49 -26.03 -13.02
C VAL B 85 16.33 -27.05 -13.80
N ASN B 86 16.74 -26.67 -15.00
CA ASN B 86 17.46 -27.57 -15.90
C ASN B 86 18.83 -28.02 -15.38
N ALA B 87 19.27 -27.43 -14.27
CA ALA B 87 20.49 -27.88 -13.62
C ALA B 87 20.18 -29.08 -12.75
N GLN B 88 18.91 -29.19 -12.34
CA GLN B 88 18.44 -30.31 -11.55
C GLN B 88 17.97 -31.45 -12.45
N LYS B 89 17.81 -31.15 -13.73
CA LYS B 89 17.44 -32.16 -14.72
C LYS B 89 18.67 -32.88 -15.26
N GLY B 90 19.85 -32.43 -14.86
CA GLY B 90 21.10 -33.02 -15.31
C GLY B 90 21.39 -32.77 -16.78
N ALA B 91 20.86 -31.66 -17.29
CA ALA B 91 21.11 -31.26 -18.67
C ALA B 91 22.44 -30.52 -18.78
N TYR B 92 22.82 -29.83 -17.71
CA TYR B 92 24.05 -29.05 -17.70
C TYR B 92 25.18 -29.85 -17.07
N ALA B 93 26.37 -29.75 -17.67
CA ALA B 93 27.55 -30.47 -17.18
C ALA B 93 28.10 -29.86 -15.91
N ASP B 94 28.63 -30.70 -15.02
CA ASP B 94 29.23 -30.24 -13.77
C ASP B 94 30.61 -29.62 -14.02
N LEU B 95 30.70 -28.33 -13.72
CA LEU B 95 31.93 -27.56 -13.99
C LEU B 95 32.88 -27.50 -12.81
N THR B 96 32.54 -28.23 -11.74
CA THR B 96 33.33 -28.22 -10.51
C THR B 96 34.79 -28.58 -10.73
N GLU B 97 35.03 -29.66 -11.46
CA GLU B 97 36.38 -30.19 -11.66
C GLU B 97 37.08 -29.57 -12.86
N LEU B 98 36.31 -28.88 -13.71
CA LEU B 98 36.85 -28.12 -14.83
C LEU B 98 37.40 -26.79 -14.33
N TYR B 99 36.79 -26.26 -13.27
CA TYR B 99 37.16 -24.96 -12.69
C TYR B 99 38.49 -24.98 -11.95
N LYS B 100 39.16 -26.14 -11.92
CA LYS B 100 40.38 -26.30 -11.14
C LYS B 100 41.64 -26.30 -12.01
N LYS B 101 41.45 -26.38 -13.33
CA LYS B 101 42.58 -26.42 -14.25
C LYS B 101 42.27 -25.70 -15.57
N GLU B 102 41.18 -26.08 -16.22
CA GLU B 102 40.79 -25.49 -17.50
C GLU B 102 40.21 -24.09 -17.33
N GLY B 103 39.51 -23.86 -16.23
CA GLY B 103 38.89 -22.56 -15.94
C GLY B 103 39.22 -22.03 -14.56
N LYS B 104 40.44 -22.27 -14.11
CA LYS B 104 40.92 -21.79 -12.82
C LYS B 104 41.06 -20.27 -12.82
N ASP B 105 41.42 -19.72 -13.97
CA ASP B 105 41.72 -18.29 -14.11
C ASP B 105 40.48 -17.42 -14.02
N LEU B 106 39.41 -17.83 -14.71
CA LEU B 106 38.17 -17.06 -14.70
C LEU B 106 37.44 -17.22 -13.37
N TYR B 107 37.69 -18.34 -12.69
CA TYR B 107 37.04 -18.64 -11.42
C TYR B 107 37.55 -17.74 -10.30
N LYS B 108 38.84 -17.40 -10.37
CA LYS B 108 39.47 -16.53 -9.39
C LYS B 108 39.12 -15.06 -9.66
N ALA B 109 38.26 -14.84 -10.65
CA ALA B 109 37.87 -13.49 -11.07
C ALA B 109 36.37 -13.25 -10.86
N LEU B 110 35.72 -14.19 -10.20
CA LEU B 110 34.29 -14.09 -9.95
C LEU B 110 33.99 -13.59 -8.55
N ASP B 111 32.97 -12.74 -8.44
CA ASP B 111 32.43 -12.34 -7.13
C ASP B 111 31.86 -13.59 -6.45
N PRO B 112 32.11 -13.75 -5.14
CA PRO B 112 31.63 -14.93 -4.42
C PRO B 112 30.11 -15.05 -4.37
N ALA B 113 29.42 -14.06 -4.95
CA ALA B 113 27.97 -14.09 -5.06
C ALA B 113 27.54 -14.91 -6.27
N TYR B 114 28.37 -14.91 -7.30
CA TYR B 114 28.14 -15.75 -8.47
C TYR B 114 28.23 -17.23 -8.10
N ILE B 115 29.07 -17.54 -7.12
CA ILE B 115 29.22 -18.92 -6.65
C ILE B 115 28.01 -19.31 -5.81
N LYS B 116 27.59 -18.40 -4.93
CA LYS B 116 26.46 -18.64 -4.05
C LYS B 116 25.15 -18.82 -4.82
N GLY B 117 25.01 -18.09 -5.92
CA GLY B 117 23.78 -18.10 -6.72
C GLY B 117 23.72 -19.11 -7.85
N ASN B 118 24.88 -19.61 -8.27
CA ASN B 118 24.95 -20.58 -9.37
C ASN B 118 25.39 -21.97 -8.96
N THR B 119 25.50 -22.19 -7.65
CA THR B 119 25.81 -23.51 -7.11
C THR B 119 24.51 -24.21 -6.70
N VAL B 120 24.17 -25.26 -7.43
CA VAL B 120 22.99 -26.05 -7.14
C VAL B 120 23.41 -27.46 -6.71
N ASN B 121 22.90 -27.90 -5.57
CA ASN B 121 23.22 -29.21 -4.99
C ASN B 121 24.71 -29.42 -4.72
N GLY B 122 25.39 -28.33 -4.35
CA GLY B 122 26.81 -28.39 -4.01
C GLY B 122 27.72 -28.35 -5.23
N LYS B 123 27.14 -28.38 -6.41
CA LYS B 123 27.92 -28.35 -7.65
C LYS B 123 27.53 -27.16 -8.52
N ILE B 124 28.50 -26.60 -9.23
CA ILE B 124 28.25 -25.47 -10.11
C ILE B 124 28.14 -25.94 -11.57
N TYR B 125 27.17 -25.39 -12.30
CA TYR B 125 26.88 -25.81 -13.69
C TYR B 125 26.96 -24.68 -14.71
N ALA B 126 27.25 -23.46 -14.24
CA ALA B 126 27.28 -22.30 -15.12
C ALA B 126 28.60 -21.55 -15.13
N VAL B 127 28.95 -20.99 -16.28
CA VAL B 127 30.02 -20.02 -16.38
C VAL B 127 29.37 -18.64 -16.39
N PRO B 128 29.30 -17.99 -15.22
CA PRO B 128 28.63 -16.70 -15.14
C PRO B 128 29.51 -15.60 -15.74
N VAL B 129 28.91 -14.76 -16.58
CA VAL B 129 29.59 -13.59 -17.09
C VAL B 129 29.79 -12.62 -15.94
N ALA B 130 31.05 -12.39 -15.57
CA ALA B 130 31.37 -11.46 -14.50
C ALA B 130 31.02 -10.04 -14.95
N ALA B 131 29.89 -9.55 -14.48
CA ALA B 131 29.42 -8.23 -14.83
C ALA B 131 28.62 -7.64 -13.67
N ASN B 132 27.36 -7.32 -13.94
CA ASN B 132 26.52 -6.68 -12.94
C ASN B 132 25.99 -7.71 -11.95
N VAL B 133 26.81 -8.02 -10.94
CA VAL B 133 26.40 -8.92 -9.88
C VAL B 133 25.33 -8.25 -9.02
N ALA B 134 25.28 -6.92 -9.09
CA ALA B 134 24.18 -6.15 -8.56
C ALA B 134 23.73 -5.20 -9.65
N SER B 135 22.43 -4.94 -9.70
CA SER B 135 21.87 -4.08 -10.74
C SER B 135 20.49 -3.57 -10.34
N SER B 136 20.10 -2.46 -10.95
CA SER B 136 18.77 -1.88 -10.74
C SER B 136 18.04 -1.81 -12.07
N GLN B 137 16.71 -1.97 -12.01
CA GLN B 137 15.88 -1.71 -13.18
C GLN B 137 15.72 -0.20 -13.28
N ASN B 138 15.88 0.32 -14.48
CA ASN B 138 15.86 1.76 -14.72
C ASN B 138 14.98 2.16 -15.90
N PHE B 139 14.45 3.37 -15.86
CA PHE B 139 13.81 3.96 -17.01
C PHE B 139 14.88 4.64 -17.85
N ALA B 140 15.10 4.14 -19.06
CA ALA B 140 16.01 4.78 -19.98
C ALA B 140 15.26 5.77 -20.85
N PHE B 141 15.77 6.99 -20.93
CA PHE B 141 15.10 8.06 -21.69
C PHE B 141 15.81 8.41 -22.99
N ASN B 142 15.01 8.78 -23.99
CA ASN B 142 15.53 9.30 -25.25
C ASN B 142 15.81 10.80 -25.14
N GLY B 143 17.07 11.13 -24.83
CA GLY B 143 17.49 12.52 -24.64
C GLY B 143 17.34 13.40 -25.85
N THR B 144 17.23 12.79 -27.03
CA THR B 144 16.97 13.51 -28.28
C THR B 144 15.54 14.05 -28.24
N LEU B 145 14.61 13.21 -27.78
CA LEU B 145 13.21 13.61 -27.61
C LEU B 145 13.03 14.48 -26.38
N LEU B 146 13.85 14.24 -25.35
CA LEU B 146 13.83 15.04 -24.14
C LEU B 146 14.27 16.47 -24.42
N ALA B 147 15.35 16.63 -25.18
CA ALA B 147 15.89 17.95 -25.49
C ALA B 147 14.98 18.69 -26.46
N LYS B 148 14.52 18.00 -27.50
CA LYS B 148 13.70 18.61 -28.54
C LYS B 148 12.38 19.15 -28.02
N TYR B 149 11.84 18.51 -26.98
CA TYR B 149 10.51 18.84 -26.49
C TYR B 149 10.49 19.37 -25.06
N GLY B 150 11.58 19.14 -24.34
CA GLY B 150 11.69 19.57 -22.95
C GLY B 150 10.63 18.96 -22.06
N ILE B 151 10.77 17.67 -21.77
CA ILE B 151 9.83 16.96 -20.90
C ILE B 151 10.44 16.76 -19.51
N ASP B 152 9.63 16.99 -18.47
CA ASP B 152 10.09 16.89 -17.10
C ASP B 152 10.07 15.44 -16.60
N ILE B 153 11.26 14.86 -16.43
CA ILE B 153 11.40 13.50 -15.91
C ILE B 153 11.97 13.53 -14.49
N SER B 154 12.08 14.73 -13.93
CA SER B 154 12.72 14.92 -12.63
C SER B 154 11.94 14.32 -11.47
N GLY B 155 10.65 14.08 -11.68
CA GLY B 155 9.79 13.48 -10.65
C GLY B 155 9.37 12.07 -10.98
N VAL B 156 10.25 11.31 -11.64
CA VAL B 156 9.94 9.94 -12.04
C VAL B 156 10.70 8.92 -11.18
N THR B 157 9.97 8.27 -10.28
CA THR B 157 10.55 7.31 -9.36
C THR B 157 9.85 5.95 -9.42
N SER B 158 8.76 5.89 -10.20
CA SER B 158 7.95 4.68 -10.34
C SER B 158 7.17 4.74 -11.64
N TYR B 159 6.47 3.64 -11.96
CA TYR B 159 5.61 3.60 -13.13
C TYR B 159 4.52 4.64 -12.99
N GLU B 160 4.01 4.76 -11.78
CA GLU B 160 2.91 5.68 -11.47
C GLU B 160 3.30 7.13 -11.71
N THR B 161 4.53 7.47 -11.36
CA THR B 161 5.06 8.82 -11.57
C THR B 161 5.57 9.01 -12.99
N LEU B 162 5.51 7.94 -13.79
CA LEU B 162 5.95 7.97 -15.17
C LEU B 162 4.81 8.37 -16.11
N GLU B 163 3.57 8.17 -15.68
CA GLU B 163 2.39 8.47 -16.51
C GLU B 163 2.36 9.90 -17.08
N PRO B 164 2.61 10.94 -16.23
CA PRO B 164 2.54 12.31 -16.77
C PRO B 164 3.47 12.52 -17.96
N VAL B 165 4.69 12.01 -17.86
CA VAL B 165 5.72 12.23 -18.88
C VAL B 165 5.38 11.50 -20.17
N LEU B 166 4.48 10.54 -20.10
CA LEU B 166 4.00 9.82 -21.27
C LEU B 166 2.84 10.56 -21.92
N LYS B 167 2.00 11.16 -21.07
CA LYS B 167 0.88 11.98 -21.52
C LYS B 167 1.37 13.14 -22.39
N GLN B 168 2.55 13.67 -22.06
CA GLN B 168 3.11 14.82 -22.75
C GLN B 168 3.64 14.46 -24.14
N ILE B 169 4.46 13.42 -24.22
CA ILE B 169 5.08 13.01 -25.47
C ILE B 169 4.06 12.50 -26.49
N LYS B 170 3.00 11.88 -26.00
CA LYS B 170 1.91 11.42 -26.83
C LYS B 170 1.24 12.62 -27.50
N GLU B 171 1.15 13.72 -26.75
CA GLU B 171 0.59 14.96 -27.26
C GLU B 171 1.52 15.67 -28.23
N LYS B 172 2.83 15.60 -27.95
CA LYS B 172 3.83 16.30 -28.76
C LYS B 172 4.36 15.47 -29.93
N ALA B 173 4.69 14.21 -29.69
CA ALA B 173 5.16 13.32 -30.74
C ALA B 173 4.26 12.08 -30.80
N PRO B 174 3.11 12.21 -31.47
CA PRO B 174 2.10 11.14 -31.51
C PRO B 174 2.58 9.90 -32.27
N ASP B 175 3.56 10.06 -33.14
CA ASP B 175 4.08 8.93 -33.92
C ASP B 175 5.19 8.18 -33.18
N VAL B 176 5.44 8.57 -31.93
CA VAL B 176 6.45 7.90 -31.11
C VAL B 176 5.77 7.08 -30.01
N VAL B 177 6.34 5.91 -29.73
CA VAL B 177 5.86 5.06 -28.65
C VAL B 177 6.43 5.58 -27.33
N PRO B 178 5.55 6.02 -26.41
CA PRO B 178 5.97 6.53 -25.11
C PRO B 178 6.76 5.48 -24.33
N PHE B 179 6.05 4.51 -23.74
CA PHE B 179 6.68 3.41 -23.03
C PHE B 179 6.81 2.24 -24.00
N ALA B 180 8.04 1.91 -24.34
CA ALA B 180 8.32 0.83 -25.30
C ALA B 180 8.62 -0.48 -24.60
N ILE B 181 7.61 -1.35 -24.52
CA ILE B 181 7.74 -2.66 -23.90
C ILE B 181 7.18 -3.76 -24.80
N GLY B 182 7.41 -5.01 -24.42
CA GLY B 182 7.00 -6.15 -25.25
C GLY B 182 6.13 -7.16 -24.53
N LYS B 183 6.02 -8.35 -25.10
CA LYS B 183 5.16 -9.41 -24.55
C LYS B 183 5.83 -10.18 -23.42
N VAL B 184 7.14 -9.97 -23.28
CA VAL B 184 7.91 -10.62 -22.24
C VAL B 184 7.97 -9.72 -20.99
N PHE B 185 7.27 -8.60 -21.07
CA PHE B 185 7.27 -7.62 -20.00
C PHE B 185 6.55 -8.10 -18.73
N ILE B 186 7.25 -7.93 -17.62
CA ILE B 186 6.70 -8.10 -16.28
C ILE B 186 7.09 -6.83 -15.49
N PRO B 187 6.13 -6.23 -14.76
CA PRO B 187 6.46 -5.03 -13.98
C PRO B 187 7.54 -5.32 -12.94
N SER B 188 8.57 -4.49 -12.90
CA SER B 188 9.66 -4.65 -11.96
C SER B 188 9.32 -4.09 -10.59
N ASP B 189 9.72 -4.82 -9.54
CA ASP B 189 9.49 -4.40 -8.18
C ASP B 189 10.62 -4.94 -7.31
N ASN B 190 10.57 -4.67 -6.00
CA ASN B 190 11.60 -5.14 -5.08
C ASN B 190 11.32 -6.55 -4.60
N PHE B 191 11.43 -7.49 -5.53
CA PHE B 191 11.12 -8.89 -5.32
C PHE B 191 12.32 -9.75 -5.65
N ASP B 192 12.41 -10.88 -4.97
CA ASP B 192 13.38 -11.92 -5.31
C ASP B 192 12.62 -13.15 -5.78
N TYR B 193 13.03 -13.70 -6.92
CA TYR B 193 12.44 -14.92 -7.45
C TYR B 193 13.28 -16.14 -7.09
N PRO B 194 12.75 -17.01 -6.21
CA PRO B 194 13.39 -18.31 -5.93
C PRO B 194 13.47 -19.16 -7.19
N VAL B 195 12.45 -19.04 -8.04
CA VAL B 195 12.42 -19.72 -9.33
C VAL B 195 12.04 -18.75 -10.45
N ALA B 196 12.84 -18.76 -11.52
CA ALA B 196 12.53 -18.01 -12.73
C ALA B 196 11.35 -18.68 -13.40
N ASN B 197 11.62 -19.56 -14.37
CA ASN B 197 10.61 -20.44 -14.94
C ASN B 197 9.34 -19.68 -15.34
N GLY B 198 8.28 -19.89 -14.57
CA GLY B 198 6.99 -19.27 -14.79
C GLY B 198 6.10 -19.56 -13.60
N LEU B 199 6.46 -18.99 -12.45
CA LEU B 199 5.71 -19.15 -11.22
C LEU B 199 5.52 -17.79 -10.58
N PRO B 200 4.32 -17.55 -9.98
CA PRO B 200 4.00 -16.24 -9.41
C PRO B 200 4.55 -16.03 -8.00
N PHE B 201 5.60 -16.76 -7.65
CA PHE B 201 6.13 -16.72 -6.29
C PHE B 201 7.35 -15.83 -6.14
N VAL B 202 7.25 -14.86 -5.24
CA VAL B 202 8.33 -13.92 -4.96
C VAL B 202 8.69 -13.88 -3.48
N ILE B 203 9.77 -13.18 -3.17
CA ILE B 203 10.06 -12.75 -1.81
C ILE B 203 9.98 -11.23 -1.80
N ASP B 204 9.10 -10.71 -0.96
CA ASP B 204 8.91 -9.27 -0.85
C ASP B 204 10.02 -8.65 0.01
N LEU B 205 10.98 -8.00 -0.64
CA LEU B 205 12.11 -7.39 0.04
C LEU B 205 11.73 -6.09 0.76
N GLU B 206 10.52 -5.61 0.52
CA GLU B 206 9.98 -4.45 1.24
C GLU B 206 9.00 -4.87 2.34
N GLY B 207 8.83 -6.18 2.51
CA GLY B 207 7.88 -6.74 3.47
C GLY B 207 8.54 -7.80 4.33
N ASP B 208 7.75 -8.79 4.75
CA ASP B 208 8.27 -9.86 5.59
C ASP B 208 9.19 -10.74 4.75
N THR B 209 10.50 -10.60 4.98
CA THR B 209 11.51 -11.29 4.18
C THR B 209 11.63 -12.79 4.48
N THR B 210 10.80 -13.30 5.38
CA THR B 210 10.80 -14.73 5.72
C THR B 210 9.67 -15.46 5.03
N LYS B 211 8.76 -14.71 4.41
CA LYS B 211 7.57 -15.30 3.80
C LYS B 211 7.62 -15.34 2.28
N VAL B 212 7.11 -16.43 1.71
CA VAL B 212 6.94 -16.56 0.27
C VAL B 212 5.51 -16.14 -0.08
N VAL B 213 5.37 -15.23 -1.05
CA VAL B 213 4.05 -14.69 -1.41
C VAL B 213 3.79 -14.67 -2.92
N ASN B 214 2.52 -14.53 -3.28
CA ASN B 214 2.11 -14.39 -4.68
C ASN B 214 2.21 -12.92 -5.09
N ARG B 215 2.90 -12.66 -6.20
CA ARG B 215 3.14 -11.29 -6.65
C ARG B 215 1.84 -10.54 -6.96
N TYR B 216 0.84 -11.25 -7.48
CA TYR B 216 -0.45 -10.65 -7.82
C TYR B 216 -1.29 -10.34 -6.56
N GLU B 217 -0.79 -10.76 -5.41
CA GLU B 217 -1.44 -10.51 -4.13
C GLU B 217 -0.74 -9.41 -3.32
N VAL B 218 0.31 -8.84 -3.89
CA VAL B 218 0.98 -7.67 -3.29
C VAL B 218 0.31 -6.40 -3.80
N PRO B 219 -0.37 -5.67 -2.89
CA PRO B 219 -1.21 -4.52 -3.26
C PRO B 219 -0.52 -3.46 -4.12
N ARG B 220 0.76 -3.20 -3.88
CA ARG B 220 1.47 -2.22 -4.69
C ARG B 220 1.78 -2.76 -6.07
N PHE B 221 1.99 -4.08 -6.13
CA PHE B 221 2.19 -4.75 -7.40
C PHE B 221 0.85 -4.90 -8.10
N LYS B 222 -0.22 -5.00 -7.30
CA LYS B 222 -1.57 -4.88 -7.82
C LYS B 222 -1.74 -3.50 -8.45
N GLU B 223 -1.11 -2.49 -7.83
CA GLU B 223 -1.19 -1.11 -8.29
C GLU B 223 -0.37 -0.86 -9.56
N HIS B 224 0.78 -1.52 -9.66
CA HIS B 224 1.62 -1.42 -10.87
C HIS B 224 0.89 -1.97 -12.08
N LEU B 225 0.01 -2.93 -11.83
CA LEU B 225 -0.76 -3.54 -12.90
C LEU B 225 -1.89 -2.64 -13.38
N LYS B 226 -2.57 -1.98 -12.44
CA LYS B 226 -3.59 -0.99 -12.77
C LYS B 226 -2.97 0.13 -13.62
N THR B 227 -1.74 0.51 -13.25
CA THR B 227 -1.00 1.56 -13.92
C THR B 227 -0.76 1.21 -15.40
N LEU B 228 -0.32 -0.01 -15.66
CA LEU B 228 -0.06 -0.46 -17.03
C LEU B 228 -1.34 -0.52 -17.85
N HIS B 229 -2.45 -0.84 -17.19
CA HIS B 229 -3.72 -0.90 -17.89
C HIS B 229 -4.24 0.50 -18.24
N LYS B 230 -3.84 1.49 -17.45
CA LYS B 230 -4.06 2.89 -17.82
C LYS B 230 -3.20 3.18 -19.04
N PHE B 231 -1.94 2.74 -18.96
CA PHE B 231 -0.97 2.91 -20.04
C PHE B 231 -1.47 2.33 -21.35
N TYR B 232 -2.14 1.17 -21.26
CA TYR B 232 -2.64 0.44 -22.42
C TYR B 232 -3.85 1.11 -23.06
N GLU B 233 -4.83 1.49 -22.25
CA GLU B 233 -6.06 2.16 -22.71
C GLU B 233 -5.75 3.52 -23.34
N ALA B 234 -4.70 4.16 -22.87
CA ALA B 234 -4.32 5.50 -23.31
C ALA B 234 -3.47 5.49 -24.58
N GLY B 235 -2.75 4.40 -24.80
CA GLY B 235 -1.90 4.28 -25.99
C GLY B 235 -0.42 4.49 -25.72
N TYR B 236 -0.04 4.47 -24.45
CA TYR B 236 1.37 4.55 -24.05
C TYR B 236 2.02 3.19 -24.26
N ILE B 237 1.22 2.14 -24.10
CA ILE B 237 1.63 0.78 -24.36
C ILE B 237 1.05 0.33 -25.70
N PRO B 238 1.89 -0.27 -26.57
CA PRO B 238 1.43 -0.81 -27.85
C PRO B 238 0.15 -1.63 -27.71
N LYS B 239 -0.74 -1.50 -28.69
CA LYS B 239 -2.01 -2.22 -28.70
C LYS B 239 -1.76 -3.72 -28.82
N ASP B 240 -0.71 -4.07 -29.57
CA ASP B 240 -0.35 -5.46 -29.85
C ASP B 240 0.77 -5.95 -28.92
N VAL B 241 0.87 -5.35 -27.74
CA VAL B 241 1.96 -5.62 -26.80
C VAL B 241 1.99 -7.07 -26.33
N ALA B 242 0.82 -7.70 -26.26
CA ALA B 242 0.68 -9.08 -25.80
C ALA B 242 1.29 -10.09 -26.80
N THR B 243 1.46 -9.65 -28.04
CA THR B 243 1.99 -10.51 -29.10
C THR B 243 3.26 -9.93 -29.73
N SER B 244 3.67 -8.74 -29.28
CA SER B 244 4.80 -8.06 -29.89
C SER B 244 6.15 -8.48 -29.28
N ASP B 245 6.94 -9.18 -30.10
CA ASP B 245 8.28 -9.59 -29.71
C ASP B 245 9.29 -8.66 -30.37
N THR B 246 8.79 -7.55 -30.91
CA THR B 246 9.61 -6.56 -31.60
C THR B 246 10.36 -5.65 -30.64
N SER B 247 11.66 -5.48 -30.87
CA SER B 247 12.49 -4.66 -29.99
C SER B 247 12.77 -3.32 -30.66
N PHE B 248 12.62 -2.25 -29.87
CA PHE B 248 12.88 -0.90 -30.34
C PHE B 248 14.38 -0.61 -30.22
N ASP B 249 15.05 -0.54 -31.37
CA ASP B 249 16.48 -0.29 -31.39
C ASP B 249 16.83 1.05 -30.76
N LEU B 250 17.82 1.02 -29.88
CA LEU B 250 18.26 2.19 -29.12
C LEU B 250 18.66 3.36 -30.00
N GLN B 251 19.14 3.05 -31.20
CA GLN B 251 19.60 4.06 -32.14
C GLN B 251 18.46 4.74 -32.88
N GLN B 252 17.24 4.62 -32.36
CA GLN B 252 16.07 5.16 -33.06
C GLN B 252 15.21 6.08 -32.21
N ASP B 253 14.48 6.98 -32.89
CA ASP B 253 13.51 7.86 -32.24
C ASP B 253 12.09 7.32 -32.41
N THR B 254 11.96 6.00 -32.27
CA THR B 254 10.66 5.34 -32.36
C THR B 254 10.05 5.18 -30.97
N TRP B 255 10.84 5.54 -29.95
CA TRP B 255 10.48 5.30 -28.56
C TRP B 255 10.92 6.47 -27.68
N PHE B 256 10.13 6.77 -26.65
CA PHE B 256 10.49 7.83 -25.70
C PHE B 256 11.18 7.29 -24.46
N VAL B 257 10.57 6.27 -23.85
CA VAL B 257 11.14 5.64 -22.67
C VAL B 257 10.98 4.13 -22.72
N ARG B 258 12.00 3.44 -22.22
CA ARG B 258 12.02 1.99 -22.12
C ARG B 258 12.58 1.61 -20.75
N GLU B 259 12.42 0.35 -20.36
CA GLU B 259 13.03 -0.14 -19.13
C GLU B 259 14.33 -0.88 -19.41
N GLU B 260 15.31 -0.68 -18.53
CA GLU B 260 16.63 -1.29 -18.67
C GLU B 260 17.17 -1.81 -17.33
N THR B 261 18.00 -2.84 -17.40
CA THR B 261 18.73 -3.32 -16.24
C THR B 261 20.13 -2.73 -16.28
N VAL B 262 20.43 -1.83 -15.35
CA VAL B 262 21.73 -1.16 -15.36
C VAL B 262 22.57 -1.53 -14.13
N GLY B 263 23.87 -1.73 -14.35
CA GLY B 263 24.79 -2.08 -13.28
C GLY B 263 26.14 -1.40 -13.40
N PRO B 264 27.06 -1.70 -12.46
CA PRO B 264 28.36 -1.04 -12.36
C PRO B 264 29.25 -1.21 -13.58
N ALA B 265 29.09 -2.30 -14.31
CA ALA B 265 29.88 -2.54 -15.51
C ALA B 265 29.38 -1.72 -16.71
N ASP B 266 28.31 -0.96 -16.48
CA ASP B 266 27.75 -0.07 -17.51
C ASP B 266 28.26 1.36 -17.34
N TYR B 267 28.71 1.69 -16.14
CA TYR B 267 29.10 3.06 -15.77
C TYR B 267 27.94 4.01 -15.98
N GLY B 268 26.92 3.87 -15.15
CA GLY B 268 25.72 4.69 -15.25
C GLY B 268 25.09 4.63 -16.62
N ASN B 269 24.97 5.79 -17.26
CA ASN B 269 24.32 5.91 -18.55
C ASN B 269 25.32 6.02 -19.70
N SER B 270 26.59 5.83 -19.41
CA SER B 270 27.61 5.86 -20.44
C SER B 270 27.37 4.79 -21.50
N LEU B 271 27.20 3.55 -21.05
CA LEU B 271 27.05 2.39 -21.93
C LEU B 271 25.90 2.53 -22.92
N LEU B 272 24.71 2.84 -22.40
CA LEU B 272 23.52 3.01 -23.23
C LEU B 272 23.67 4.16 -24.23
N SER B 273 24.19 5.29 -23.73
CA SER B 273 24.36 6.48 -24.55
C SER B 273 25.25 6.20 -25.73
N ARG B 274 26.27 5.38 -25.51
CA ARG B 274 27.17 4.93 -26.56
C ARG B 274 26.43 4.09 -27.60
N VAL B 275 25.73 3.07 -27.11
CA VAL B 275 25.00 2.16 -27.98
C VAL B 275 23.89 2.89 -28.73
N ALA B 276 23.20 3.80 -28.05
CA ALA B 276 22.14 4.59 -28.66
C ALA B 276 22.70 5.73 -29.51
N ASN B 277 23.99 6.02 -29.31
CA ASN B 277 24.68 7.09 -30.04
C ASN B 277 24.04 8.46 -29.78
N LYS B 278 23.41 8.58 -28.63
CA LYS B 278 22.72 9.81 -28.22
C LYS B 278 22.72 9.89 -26.69
N ASP B 279 21.97 10.84 -26.15
CA ASP B 279 21.86 10.99 -24.70
C ASP B 279 20.78 10.06 -24.13
N ILE B 280 21.19 9.17 -23.23
CA ILE B 280 20.24 8.28 -22.56
C ILE B 280 20.18 8.60 -21.07
N GLN B 281 19.01 9.05 -20.62
CA GLN B 281 18.81 9.44 -19.23
C GLN B 281 18.16 8.33 -18.43
N ILE B 282 18.79 7.92 -17.33
CA ILE B 282 18.27 6.82 -16.52
C ILE B 282 17.72 7.25 -15.17
N LYS B 283 16.57 6.67 -14.81
CA LYS B 283 15.98 6.87 -13.49
C LYS B 283 15.65 5.52 -12.86
N PRO B 284 16.25 5.23 -11.69
CA PRO B 284 16.05 3.94 -11.00
C PRO B 284 14.63 3.79 -10.45
N ILE B 285 14.10 2.57 -10.55
CA ILE B 285 12.76 2.26 -10.03
C ILE B 285 12.83 1.20 -8.93
N THR B 286 13.80 0.31 -9.05
CA THR B 286 14.05 -0.71 -8.04
C THR B 286 15.41 -0.49 -7.38
N ASN B 287 15.63 -1.16 -6.25
CA ASN B 287 16.83 -0.97 -5.45
C ASN B 287 18.01 -1.79 -5.94
N PHE B 288 19.19 -1.18 -5.85
CA PHE B 288 20.44 -1.85 -6.18
C PHE B 288 20.62 -3.04 -5.25
N ILE B 289 20.80 -4.23 -5.83
CA ILE B 289 20.80 -5.46 -5.04
C ILE B 289 21.54 -6.62 -5.70
N LYS B 290 22.22 -7.40 -4.87
CA LYS B 290 22.84 -8.65 -5.29
C LYS B 290 21.87 -9.80 -4.98
N LYS B 291 21.03 -10.17 -5.94
CA LYS B 291 20.12 -11.29 -5.73
C LYS B 291 20.40 -12.46 -6.67
N ASN B 292 19.63 -13.53 -6.54
CA ASN B 292 19.79 -14.72 -7.38
C ASN B 292 19.79 -14.42 -8.88
N GLN B 293 18.80 -13.65 -9.32
CA GLN B 293 18.62 -13.32 -10.74
C GLN B 293 19.79 -12.54 -11.33
N THR B 294 20.41 -11.68 -10.52
CA THR B 294 21.54 -10.87 -10.97
C THR B 294 22.78 -11.72 -11.19
N THR B 295 22.90 -12.81 -10.43
CA THR B 295 24.02 -13.73 -10.58
C THR B 295 23.75 -14.77 -11.67
N GLN B 296 22.58 -14.67 -12.30
CA GLN B 296 22.14 -15.67 -13.27
C GLN B 296 21.64 -15.06 -14.57
N VAL B 297 21.79 -13.75 -14.73
CA VAL B 297 21.26 -13.03 -15.89
C VAL B 297 21.94 -13.47 -17.20
N ALA B 298 23.18 -13.94 -17.10
CA ALA B 298 23.95 -14.35 -18.26
C ALA B 298 24.84 -15.54 -17.96
N ASN B 299 24.23 -16.71 -17.80
CA ASN B 299 24.97 -17.95 -17.54
C ASN B 299 25.29 -18.72 -18.81
N PHE B 300 26.50 -19.27 -18.87
CA PHE B 300 26.90 -20.15 -19.97
C PHE B 300 27.13 -21.57 -19.48
N VAL B 301 26.30 -22.49 -19.95
CA VAL B 301 26.40 -23.89 -19.56
C VAL B 301 27.03 -24.72 -20.67
N ILE B 302 27.49 -25.91 -20.30
CA ILE B 302 28.01 -26.88 -21.27
C ILE B 302 27.06 -28.07 -21.29
N SER B 303 26.75 -28.57 -22.50
CA SER B 303 25.92 -29.76 -22.63
C SER B 303 26.56 -30.91 -21.86
N ASN B 304 25.75 -31.67 -21.15
CA ASN B 304 26.23 -32.86 -20.47
C ASN B 304 26.59 -33.94 -21.50
N ASN B 305 26.13 -33.72 -22.73
CA ASN B 305 26.42 -34.61 -23.85
C ASN B 305 27.58 -34.09 -24.72
N SER B 306 28.28 -33.07 -24.23
CA SER B 306 29.40 -32.49 -24.98
C SER B 306 30.59 -33.45 -25.07
N LYS B 307 31.05 -33.66 -26.30
CA LYS B 307 32.21 -34.49 -26.56
C LYS B 307 33.50 -33.71 -26.38
N ASN B 308 33.37 -32.40 -26.16
CA ASN B 308 34.53 -31.53 -25.98
C ASN B 308 34.43 -30.61 -24.76
N LYS B 309 34.01 -31.17 -23.64
CA LYS B 309 33.80 -30.42 -22.40
C LYS B 309 35.02 -29.61 -21.96
N GLU B 310 36.20 -30.20 -22.10
CA GLU B 310 37.45 -29.57 -21.66
C GLU B 310 37.77 -28.33 -22.49
N LYS B 311 37.80 -28.49 -23.82
CA LYS B 311 38.10 -27.38 -24.72
C LYS B 311 37.01 -26.33 -24.71
N SER B 312 35.76 -26.76 -24.50
CA SER B 312 34.64 -25.85 -24.33
C SER B 312 34.86 -24.96 -23.10
N MET B 313 35.60 -25.50 -22.14
CA MET B 313 35.90 -24.78 -20.90
C MET B 313 37.05 -23.81 -21.12
N GLU B 314 38.01 -24.23 -21.94
CA GLU B 314 39.19 -23.42 -22.23
C GLU B 314 38.87 -22.22 -23.11
N ILE B 315 37.91 -22.38 -24.03
CA ILE B 315 37.45 -21.25 -24.83
C ILE B 315 36.68 -20.26 -23.95
N LEU B 316 35.80 -20.79 -23.11
CA LEU B 316 35.09 -19.95 -22.14
C LEU B 316 36.05 -19.29 -21.16
N ASN B 317 37.17 -19.94 -20.91
CA ASN B 317 38.25 -19.33 -20.12
C ASN B 317 38.90 -18.18 -20.89
N LEU B 318 39.04 -18.36 -22.21
CA LEU B 318 39.68 -17.36 -23.05
C LEU B 318 38.83 -16.11 -23.27
N LEU B 319 37.52 -16.27 -23.23
CA LEU B 319 36.62 -15.13 -23.42
C LEU B 319 36.57 -14.24 -22.18
N ASN B 320 36.93 -14.80 -21.03
CA ASN B 320 36.86 -14.09 -19.76
C ASN B 320 38.22 -13.62 -19.25
N THR B 321 39.29 -13.98 -19.96
CA THR B 321 40.65 -13.59 -19.56
C THR B 321 41.39 -12.78 -20.63
N ASN B 322 41.08 -13.02 -21.90
CA ASN B 322 41.74 -12.31 -22.99
C ASN B 322 40.95 -11.09 -23.47
N PRO B 323 41.53 -9.88 -23.28
CA PRO B 323 40.94 -8.63 -23.72
C PRO B 323 40.89 -8.53 -25.24
N GLU B 324 42.01 -8.85 -25.89
CA GLU B 324 42.11 -8.76 -27.35
C GLU B 324 41.03 -9.58 -28.05
N LEU B 325 40.79 -10.79 -27.55
CA LEU B 325 39.75 -11.68 -28.07
C LEU B 325 38.34 -11.17 -27.75
N LEU B 326 38.12 -10.79 -26.50
CA LEU B 326 36.81 -10.34 -26.06
C LEU B 326 36.41 -9.00 -26.68
N ASN B 327 37.29 -8.00 -26.56
CA ASN B 327 37.04 -6.67 -27.09
C ASN B 327 36.90 -6.61 -28.61
N GLY B 328 37.48 -7.58 -29.30
CA GLY B 328 37.33 -7.69 -30.75
C GLY B 328 35.95 -8.18 -31.15
N LEU B 329 35.20 -8.68 -30.17
CA LEU B 329 33.85 -9.17 -30.41
C LEU B 329 32.79 -8.18 -29.90
N VAL B 330 33.04 -7.62 -28.72
CA VAL B 330 32.06 -6.75 -28.06
C VAL B 330 32.07 -5.34 -28.65
N TYR B 331 33.26 -4.78 -28.83
CA TYR B 331 33.41 -3.49 -29.49
C TYR B 331 33.37 -3.67 -31.01
N GLY B 332 33.95 -4.77 -31.49
CA GLY B 332 34.03 -5.04 -32.92
C GLY B 332 35.47 -5.05 -33.41
N PRO B 333 35.66 -5.05 -34.73
CA PRO B 333 36.97 -5.08 -35.38
C PRO B 333 37.72 -3.76 -35.22
N GLU B 334 38.92 -3.85 -34.67
CA GLU B 334 39.77 -2.69 -34.42
C GLU B 334 40.13 -1.97 -35.70
N GLY B 335 40.02 -0.63 -35.68
CA GLY B 335 40.41 0.18 -36.83
C GLY B 335 39.24 0.72 -37.63
N LYS B 336 38.03 0.37 -37.23
CA LYS B 336 36.82 0.89 -37.88
C LYS B 336 35.64 0.90 -36.91
N ASN B 337 35.62 -0.05 -35.98
CA ASN B 337 34.62 -0.06 -34.92
C ASN B 337 35.12 0.69 -33.69
N TRP B 338 36.44 0.64 -33.47
CA TRP B 338 37.06 1.26 -32.31
C TRP B 338 38.56 1.44 -32.49
N GLU B 339 39.13 2.35 -31.71
CA GLU B 339 40.58 2.57 -31.67
C GLU B 339 41.02 2.87 -30.25
N LYS B 340 42.26 2.51 -29.93
CA LYS B 340 42.84 2.83 -28.62
C LYS B 340 43.10 4.32 -28.49
N ILE B 341 43.26 4.78 -27.25
CA ILE B 341 43.62 6.17 -26.96
C ILE B 341 45.02 6.18 -26.38
N GLU B 342 46.02 6.38 -27.24
CA GLU B 342 47.42 6.29 -26.86
C GLU B 342 47.77 7.40 -25.86
N GLY B 343 48.17 6.97 -24.66
CA GLY B 343 48.45 7.90 -23.56
C GLY B 343 47.73 7.50 -22.29
N LYS B 344 46.45 7.14 -22.44
CA LYS B 344 45.64 6.62 -21.33
C LYS B 344 45.40 5.12 -21.50
N GLU B 345 45.78 4.35 -20.49
CA GLU B 345 45.68 2.88 -20.50
C GLU B 345 44.23 2.40 -20.39
N ASN B 346 43.96 1.24 -21.00
CA ASN B 346 42.66 0.57 -20.95
C ASN B 346 41.50 1.32 -21.60
N ARG B 347 41.81 2.45 -22.24
CA ARG B 347 40.79 3.32 -22.82
C ARG B 347 40.71 3.18 -24.34
N VAL B 348 39.50 3.30 -24.86
CA VAL B 348 39.25 3.28 -26.31
C VAL B 348 38.18 4.30 -26.69
N ARG B 349 38.10 4.61 -27.98
CA ARG B 349 36.99 5.41 -28.50
C ARG B 349 36.37 4.69 -29.70
N VAL B 350 35.06 4.70 -29.77
CA VAL B 350 34.33 4.02 -30.85
C VAL B 350 34.31 4.88 -32.11
N LEU B 351 34.26 4.22 -33.26
CA LEU B 351 34.20 4.90 -34.54
C LEU B 351 32.84 4.68 -35.19
N ASP B 352 32.70 5.10 -36.44
CA ASP B 352 31.44 4.96 -37.17
C ASP B 352 31.00 3.51 -37.28
N GLY B 353 31.97 2.60 -37.22
CA GLY B 353 31.72 1.17 -37.36
C GLY B 353 30.96 0.57 -36.19
N TYR B 354 31.16 1.13 -35.00
CA TYR B 354 30.43 0.68 -33.82
C TYR B 354 28.92 0.89 -33.97
N LYS B 355 28.56 2.01 -34.61
CA LYS B 355 27.17 2.26 -34.97
C LYS B 355 26.71 1.13 -35.90
N GLY B 356 25.60 0.50 -35.56
CA GLY B 356 25.06 -0.59 -36.37
C GLY B 356 25.27 -1.98 -35.77
N ASN B 357 24.91 -2.99 -36.56
CA ASN B 357 24.93 -4.39 -36.14
C ASN B 357 26.28 -5.06 -36.41
N THR B 358 27.35 -4.43 -35.92
CA THR B 358 28.71 -4.89 -36.24
C THR B 358 29.47 -5.47 -35.06
N HIS B 359 28.78 -5.67 -33.94
CA HIS B 359 29.42 -6.14 -32.71
C HIS B 359 28.49 -7.00 -31.84
N MET B 360 29.06 -7.56 -30.76
CA MET B 360 28.26 -8.29 -29.78
C MET B 360 28.06 -7.46 -28.52
N GLY B 361 27.10 -7.86 -27.69
CA GLY B 361 26.89 -7.24 -26.38
C GLY B 361 27.71 -7.94 -25.31
N GLY B 362 28.37 -7.15 -24.46
CA GLY B 362 29.31 -7.68 -23.49
C GLY B 362 28.72 -8.33 -22.26
N TRP B 363 27.43 -8.13 -22.02
CA TRP B 363 26.77 -8.67 -20.84
C TRP B 363 26.61 -10.19 -20.92
N ASN B 364 26.58 -10.72 -22.14
CA ASN B 364 26.47 -12.15 -22.37
C ASN B 364 27.54 -12.67 -23.33
N THR B 365 28.79 -12.30 -23.07
CA THR B 365 29.88 -12.68 -23.95
C THR B 365 31.12 -13.08 -23.17
N GLY B 366 31.34 -12.41 -22.04
CA GLY B 366 32.52 -12.65 -21.21
C GLY B 366 32.75 -11.51 -20.23
N ASN B 367 33.76 -11.69 -19.38
CA ASN B 367 34.06 -10.75 -18.30
C ASN B 367 34.05 -9.28 -18.72
N ASN B 368 33.05 -8.55 -18.24
CA ASN B 368 32.88 -7.13 -18.55
C ASN B 368 34.01 -6.25 -18.05
N TRP B 369 34.79 -6.76 -17.09
CA TRP B 369 35.83 -5.96 -16.46
C TRP B 369 37.12 -5.89 -17.26
N ILE B 370 37.32 -6.87 -18.16
CA ILE B 370 38.46 -6.86 -19.08
C ILE B 370 38.08 -6.20 -20.41
N LEU B 371 36.87 -5.65 -20.47
CA LEU B 371 36.45 -4.80 -21.57
C LEU B 371 37.06 -3.42 -21.41
N TYR B 372 37.49 -2.82 -22.51
CA TYR B 372 38.05 -1.47 -22.49
C TYR B 372 36.95 -0.47 -22.14
N ILE B 373 37.34 0.68 -21.60
CA ILE B 373 36.36 1.70 -21.23
C ILE B 373 36.32 2.81 -22.28
N ASN B 374 35.13 3.07 -22.80
CA ASN B 374 34.95 4.06 -23.86
C ASN B 374 35.24 5.48 -23.40
N GLU B 375 35.37 6.39 -24.36
CA GLU B 375 35.69 7.79 -24.10
C GLU B 375 34.56 8.52 -23.36
N ASN B 376 33.32 8.09 -23.59
CA ASN B 376 32.14 8.80 -23.08
C ASN B 376 31.87 8.65 -21.59
N VAL B 377 32.72 7.87 -20.90
CA VAL B 377 32.56 7.70 -19.46
C VAL B 377 33.42 8.67 -18.67
N THR B 378 32.79 9.34 -17.71
CA THR B 378 33.47 10.30 -16.85
C THR B 378 34.20 9.58 -15.72
N ASP B 379 35.23 10.22 -15.18
CA ASP B 379 35.96 9.70 -14.03
C ASP B 379 35.04 9.58 -12.84
N GLN B 380 34.00 10.42 -12.82
CA GLN B 380 32.94 10.34 -11.83
C GLN B 380 32.20 9.01 -11.97
N GLN B 381 31.83 8.68 -13.21
CA GLN B 381 31.13 7.43 -13.51
C GLN B 381 31.98 6.21 -13.18
N ILE B 382 33.30 6.33 -13.36
CA ILE B 382 34.22 5.24 -13.02
C ILE B 382 34.30 5.06 -11.50
N GLU B 383 34.40 6.17 -10.78
CA GLU B 383 34.46 6.16 -9.31
C GLU B 383 33.13 5.69 -8.69
N ASN B 384 32.01 6.12 -9.28
CA ASN B 384 30.69 5.73 -8.82
C ASN B 384 30.45 4.23 -8.98
N SER B 385 31.09 3.65 -10.00
CA SER B 385 31.02 2.22 -10.25
C SER B 385 31.72 1.44 -9.12
N LYS B 386 32.97 1.82 -8.85
CA LYS B 386 33.77 1.21 -7.79
C LYS B 386 33.04 1.27 -6.44
N LYS B 387 32.35 2.39 -6.21
CA LYS B 387 31.61 2.61 -4.97
C LYS B 387 30.34 1.77 -4.89
N GLU B 388 29.54 1.78 -5.97
CA GLU B 388 28.34 0.96 -6.06
C GLU B 388 28.65 -0.51 -5.78
N LEU B 389 29.80 -0.95 -6.27
CA LEU B 389 30.30 -2.30 -6.09
C LEU B 389 30.48 -2.61 -4.60
N ALA B 390 31.12 -1.67 -3.90
CA ALA B 390 31.44 -1.86 -2.48
C ALA B 390 30.20 -1.77 -1.59
N GLU B 391 29.27 -0.88 -1.93
CA GLU B 391 28.05 -0.70 -1.16
C GLU B 391 26.96 -1.71 -1.54
N ALA B 392 27.27 -2.58 -2.51
CA ALA B 392 26.30 -3.55 -3.03
C ALA B 392 25.75 -4.48 -1.94
N LYS B 393 24.47 -4.29 -1.61
CA LYS B 393 23.82 -5.13 -0.61
C LYS B 393 23.29 -6.42 -1.21
N GLU B 394 23.30 -7.50 -0.43
CA GLU B 394 22.77 -8.78 -0.90
C GLU B 394 21.33 -8.98 -0.46
N SER B 395 20.56 -9.69 -1.28
CA SER B 395 19.22 -10.12 -0.90
C SER B 395 19.32 -11.22 0.15
N PRO B 396 18.46 -11.18 1.17
CA PRO B 396 18.46 -12.21 2.22
C PRO B 396 18.09 -13.59 1.69
N ALA B 397 17.79 -13.67 0.40
CA ALA B 397 17.45 -14.93 -0.25
C ALA B 397 18.43 -15.26 -1.36
N LEU B 398 19.59 -14.64 -1.33
CA LEU B 398 20.66 -14.96 -2.27
C LEU B 398 21.32 -16.27 -1.87
N GLY B 399 21.28 -17.25 -2.78
CA GLY B 399 21.82 -18.57 -2.50
C GLY B 399 20.71 -19.60 -2.34
N PHE B 400 19.52 -19.11 -2.04
CA PHE B 400 18.34 -19.97 -1.90
C PHE B 400 17.98 -20.63 -3.24
N ILE B 401 18.33 -21.91 -3.36
CA ILE B 401 18.03 -22.70 -4.54
C ILE B 401 16.89 -23.65 -4.22
N PHE B 402 15.72 -23.39 -4.80
CA PHE B 402 14.54 -24.22 -4.55
C PHE B 402 14.71 -25.62 -5.10
N ASN B 403 14.36 -26.61 -4.28
CA ASN B 403 14.49 -28.02 -4.66
C ASN B 403 13.19 -28.55 -5.25
N THR B 404 13.19 -28.74 -6.56
CA THR B 404 11.99 -29.04 -7.31
C THR B 404 11.61 -30.53 -7.29
N ASP B 405 12.42 -31.34 -6.60
CA ASP B 405 12.25 -32.79 -6.57
C ASP B 405 10.83 -33.25 -6.29
N ASN B 406 10.24 -32.73 -5.23
CA ASN B 406 8.95 -33.22 -4.76
C ASN B 406 7.75 -32.61 -5.47
N VAL B 407 7.99 -31.56 -6.27
CA VAL B 407 6.91 -30.86 -6.95
C VAL B 407 7.12 -30.69 -8.45
N LYS B 408 7.95 -31.57 -9.05
CA LYS B 408 8.29 -31.49 -10.48
C LYS B 408 7.06 -31.31 -11.37
N SER B 409 5.98 -32.02 -11.02
CA SER B 409 4.74 -31.98 -11.79
C SER B 409 3.84 -30.80 -11.40
N GLU B 410 3.79 -30.50 -10.10
CA GLU B 410 3.00 -29.37 -9.57
C GLU B 410 3.43 -28.05 -10.19
N ILE B 411 4.74 -27.90 -10.41
CA ILE B 411 5.31 -26.71 -11.05
C ILE B 411 4.83 -26.58 -12.49
N SER B 412 4.82 -27.69 -13.21
CA SER B 412 4.39 -27.72 -14.62
C SER B 412 2.89 -27.46 -14.77
N ALA B 413 2.16 -27.63 -13.68
CA ALA B 413 0.72 -27.38 -13.66
C ALA B 413 0.43 -25.89 -13.54
N ILE B 414 1.20 -25.20 -12.69
CA ILE B 414 1.03 -23.76 -12.47
C ILE B 414 1.38 -23.00 -13.73
N ALA B 415 2.57 -23.28 -14.28
CA ALA B 415 3.06 -22.64 -15.49
C ALA B 415 2.06 -22.77 -16.63
N ASN B 416 1.42 -23.92 -16.73
CA ASN B 416 0.38 -24.14 -17.72
C ASN B 416 -0.83 -23.24 -17.50
N THR B 417 -1.27 -23.16 -16.24
CA THR B 417 -2.42 -22.34 -15.87
C THR B 417 -2.14 -20.85 -16.08
N MET B 418 -0.97 -20.40 -15.63
CA MET B 418 -0.60 -18.99 -15.71
C MET B 418 -0.42 -18.50 -17.14
N GLN B 419 0.14 -19.36 -18.00
CA GLN B 419 0.40 -18.96 -19.39
C GLN B 419 -0.88 -18.88 -20.23
N GLN B 420 -2.02 -18.91 -19.56
CA GLN B 420 -3.31 -18.65 -20.17
C GLN B 420 -3.77 -17.27 -19.73
N PHE B 421 -3.09 -16.71 -18.74
CA PHE B 421 -3.49 -15.45 -18.12
C PHE B 421 -2.36 -14.43 -18.05
N ASP B 422 -1.16 -14.90 -17.73
CA ASP B 422 -0.04 -14.03 -17.37
C ASP B 422 0.26 -12.89 -18.35
N THR B 423 0.42 -13.23 -19.63
CA THR B 423 0.79 -12.24 -20.65
C THR B 423 -0.19 -11.07 -20.72
N ALA B 424 -1.48 -11.39 -20.73
CA ALA B 424 -2.52 -10.36 -20.78
C ALA B 424 -2.48 -9.44 -19.56
N ILE B 425 -2.16 -10.02 -18.40
CA ILE B 425 -2.10 -9.28 -17.14
C ILE B 425 -0.81 -8.45 -17.02
N ASN B 426 0.33 -9.11 -17.23
CA ASN B 426 1.64 -8.48 -17.07
C ASN B 426 1.89 -7.33 -18.02
N THR B 427 1.13 -7.28 -19.11
CA THR B 427 1.32 -6.26 -20.13
C THR B 427 0.34 -5.11 -19.98
N GLY B 428 -0.66 -5.27 -19.12
CA GLY B 428 -1.68 -4.25 -18.91
C GLY B 428 -2.81 -4.30 -19.94
N THR B 429 -2.79 -5.33 -20.77
CA THR B 429 -3.81 -5.52 -21.81
C THR B 429 -5.18 -5.76 -21.18
N VAL B 430 -5.18 -6.43 -20.03
CA VAL B 430 -6.42 -6.74 -19.34
C VAL B 430 -6.51 -6.03 -18.00
N ASP B 431 -7.72 -5.70 -17.58
CA ASP B 431 -7.99 -5.13 -16.28
C ASP B 431 -7.65 -6.15 -15.18
N PRO B 432 -6.59 -5.88 -14.40
CA PRO B 432 -6.10 -6.80 -13.37
C PRO B 432 -7.11 -7.05 -12.26
N ASP B 433 -7.98 -6.06 -12.01
CA ASP B 433 -9.06 -6.17 -11.05
C ASP B 433 -9.95 -7.37 -11.36
N LYS B 434 -10.15 -7.60 -12.65
CA LYS B 434 -11.04 -8.66 -13.15
C LYS B 434 -10.23 -9.93 -13.44
N ALA B 435 -9.00 -9.74 -13.90
CA ALA B 435 -8.15 -10.84 -14.35
C ALA B 435 -7.56 -11.66 -13.21
N ILE B 436 -6.96 -10.98 -12.23
CA ILE B 436 -6.27 -11.64 -11.11
C ILE B 436 -7.16 -12.60 -10.31
N PRO B 437 -8.38 -12.16 -9.92
CA PRO B 437 -9.26 -13.13 -9.25
C PRO B 437 -9.54 -14.36 -10.11
N GLU B 438 -9.67 -14.16 -11.42
CA GLU B 438 -9.91 -15.26 -12.36
C GLU B 438 -8.69 -16.17 -12.49
N LEU B 439 -7.52 -15.63 -12.18
CA LEU B 439 -6.30 -16.41 -12.19
C LEU B 439 -6.12 -17.14 -10.87
N MET B 440 -6.47 -16.48 -9.78
CA MET B 440 -6.32 -17.06 -8.45
C MET B 440 -7.36 -18.14 -8.19
N GLU B 441 -8.48 -18.10 -8.91
CA GLU B 441 -9.52 -19.12 -8.75
C GLU B 441 -9.08 -20.45 -9.37
N LYS B 442 -8.48 -20.38 -10.56
CA LYS B 442 -8.04 -21.57 -11.28
C LYS B 442 -6.87 -22.22 -10.56
N LEU B 443 -5.99 -21.39 -10.02
CA LEU B 443 -4.83 -21.87 -9.31
C LEU B 443 -5.23 -22.58 -8.01
N LYS B 444 -6.14 -21.96 -7.27
CA LYS B 444 -6.59 -22.51 -5.98
C LYS B 444 -7.62 -23.62 -6.14
N SER B 445 -7.99 -23.90 -7.39
CA SER B 445 -8.98 -24.94 -7.68
C SER B 445 -8.42 -26.35 -7.46
N GLU B 446 -7.24 -26.62 -8.00
CA GLU B 446 -6.68 -27.98 -8.01
C GLU B 446 -5.45 -28.19 -7.12
N GLY B 447 -5.39 -27.46 -6.02
CA GLY B 447 -4.47 -27.77 -4.89
C GLY B 447 -2.99 -28.02 -5.11
N ALA B 448 -2.56 -28.11 -6.37
CA ALA B 448 -1.14 -28.22 -6.68
C ALA B 448 -0.44 -26.91 -6.35
N TYR B 449 -1.20 -25.82 -6.45
CA TYR B 449 -0.71 -24.47 -6.19
C TYR B 449 -0.31 -24.27 -4.73
N GLU B 450 -1.18 -24.66 -3.81
CA GLU B 450 -0.89 -24.55 -2.38
C GLU B 450 0.27 -25.46 -1.98
N LYS B 451 0.42 -26.58 -2.71
CA LYS B 451 1.47 -27.55 -2.41
C LYS B 451 2.87 -26.98 -2.64
N VAL B 452 3.04 -26.21 -3.72
CA VAL B 452 4.33 -25.60 -4.05
C VAL B 452 4.60 -24.42 -3.13
N LEU B 453 3.54 -23.66 -2.81
CA LEU B 453 3.66 -22.52 -1.92
C LEU B 453 4.22 -22.96 -0.57
N ASN B 454 3.71 -24.09 -0.07
CA ASN B 454 4.13 -24.63 1.21
C ASN B 454 5.54 -25.20 1.20
N GLU B 455 5.84 -26.03 0.20
CA GLU B 455 7.16 -26.64 0.09
C GLU B 455 8.22 -25.56 -0.02
N MET B 456 7.99 -24.60 -0.92
CA MET B 456 8.87 -23.45 -1.08
C MET B 456 9.04 -22.68 0.23
N GLN B 457 7.93 -22.48 0.93
CA GLN B 457 7.96 -21.86 2.25
C GLN B 457 8.74 -22.73 3.24
N LYS B 458 8.49 -24.04 3.20
CA LYS B 458 9.19 -24.98 4.06
C LYS B 458 10.69 -24.99 3.79
N GLN B 459 11.08 -24.97 2.51
CA GLN B 459 12.48 -24.97 2.12
C GLN B 459 13.15 -23.64 2.42
N TYR B 460 12.36 -22.56 2.41
CA TYR B 460 12.89 -21.24 2.73
C TYR B 460 13.13 -21.09 4.23
N ASP B 461 12.26 -21.72 5.03
CA ASP B 461 12.41 -21.73 6.48
C ASP B 461 13.64 -22.53 6.90
N GLU B 462 13.97 -23.56 6.13
CA GLU B 462 15.18 -24.37 6.36
C GLU B 462 16.41 -23.58 6.00
N PHE B 463 16.26 -22.69 5.02
CA PHE B 463 17.37 -21.90 4.52
C PHE B 463 17.78 -20.83 5.53
N LEU B 464 16.79 -20.05 6.00
CA LEU B 464 17.04 -18.99 6.97
C LEU B 464 17.43 -19.55 8.32
N LYS B 465 16.92 -20.74 8.63
CA LYS B 465 17.32 -21.49 9.82
C LYS B 465 18.79 -21.86 9.73
N ASN B 466 19.17 -22.46 8.59
CA ASN B 466 20.56 -22.85 8.32
C ASN B 466 21.36 -21.71 7.70
#